data_8H0A
#
_entry.id   8H0A
#
_cell.length_a   65.407
_cell.length_b   72.616
_cell.length_c   82.994
_cell.angle_alpha   90.000
_cell.angle_beta   102.380
_cell.angle_gamma   90.000
#
_symmetry.space_group_name_H-M   'P 1 21 1'
#
loop_
_entity.id
_entity.type
_entity.pdbx_description
1 polymer 'SGNH/GDSL hydrolase family protein'
2 non-polymer 'LAURIC ACID'
3 non-polymer DI(HYDROXYETHYL)ETHER
4 non-polymer 'MAGNESIUM ION'
5 water water
#
_entity_poly.entity_id   1
_entity_poly.type   'polypeptide(L)'
_entity_poly.pdbx_seq_one_letter_code
;MGMMKKTITLLTALLPLASAIAEEPTLSPAMVSAAEVVSAQENQTYTYVRCWYRTSHSKDDAATDWKWAKNQDGSDFTID
GYWWSSVSFKNMFYTNTSQNVIRQRCEETLDLANENADITFFAADNRYSYNHTIWSNDAAMQPDQINKVVALGDSLSDTG
NIFNASQWRFPNPNSWFLGHFSNGFVWTEYVAKAKNLPLYNWAVGGAAGENQYIALTGVGEQVSSYLTYTKLAKNYNPAN
TLFTLEFGLNDFMNYNRSVPEVKADYAEALIRLTDAGAKNFMLMTLPDATKAPQFKYSTQEEIETIRAKVLKMNEFIKAQ
AMYYKAQGYNIALFDTHALFEKLTSAPEEHGFVNASDPCLDINRSSSVDYMYTHSLRSECAASGADKFVFWDVTHPTTAT
HRYVAEKMLESSNNLEEFRFHHHHHH
;
_entity_poly.pdbx_strand_id   A,B
#
# COMPACT_ATOMS: atom_id res chain seq x y z
N ALA A 30 3.94 0.41 18.51
CA ALA A 30 4.15 -1.05 18.35
C ALA A 30 3.96 -1.53 16.89
N MET A 31 3.30 -0.70 16.05
CA MET A 31 2.98 -0.90 14.62
C MET A 31 1.82 -1.88 14.40
N VAL A 32 1.88 -3.09 15.00
CA VAL A 32 0.85 -4.16 14.91
C VAL A 32 0.64 -4.68 16.35
N SER A 33 -0.63 -4.81 16.85
CA SER A 33 -0.83 -5.32 18.21
C SER A 33 -0.40 -6.77 18.35
N ALA A 34 -0.07 -7.20 19.58
CA ALA A 34 0.35 -8.58 19.85
C ALA A 34 -0.76 -9.57 19.47
N ALA A 35 -2.02 -9.16 19.63
CA ALA A 35 -3.22 -9.96 19.33
C ALA A 35 -3.37 -10.13 17.82
N GLU A 36 -3.17 -9.03 17.06
CA GLU A 36 -3.21 -9.00 15.60
C GLU A 36 -2.15 -9.96 15.05
N VAL A 37 -0.95 -9.97 15.69
CA VAL A 37 0.20 -10.79 15.30
C VAL A 37 -0.14 -12.29 15.47
N VAL A 38 -0.60 -12.69 16.66
CA VAL A 38 -0.94 -14.09 16.90
C VAL A 38 -2.03 -14.56 15.93
N SER A 39 -3.09 -13.74 15.75
CA SER A 39 -4.21 -14.05 14.86
C SER A 39 -3.75 -14.24 13.41
N ALA A 40 -2.78 -13.41 12.95
CA ALA A 40 -2.26 -13.54 11.59
C ALA A 40 -1.35 -14.77 11.47
N GLN A 41 -0.47 -15.02 12.48
CA GLN A 41 0.48 -16.15 12.49
C GLN A 41 -0.23 -17.50 12.57
N GLU A 42 -1.40 -17.55 13.24
CA GLU A 42 -2.16 -18.78 13.39
C GLU A 42 -3.07 -19.06 12.20
N ASN A 43 -3.23 -18.09 11.28
CA ASN A 43 -4.04 -18.30 10.09
C ASN A 43 -3.18 -19.04 9.03
N GLN A 44 -2.80 -20.30 9.35
CA GLN A 44 -1.94 -21.17 8.55
C GLN A 44 -2.57 -21.65 7.25
N THR A 45 -1.80 -21.62 6.17
CA THR A 45 -2.22 -22.03 4.85
C THR A 45 -0.96 -22.52 4.07
N TYR A 46 -1.07 -22.66 2.74
CA TYR A 46 0.07 -23.01 1.88
C TYR A 46 -0.04 -22.20 0.61
N THR A 47 1.08 -22.07 -0.11
CA THR A 47 1.14 -21.38 -1.40
C THR A 47 2.21 -22.06 -2.28
N TYR A 48 2.28 -21.64 -3.55
CA TYR A 48 3.22 -22.19 -4.52
C TYR A 48 4.38 -21.24 -4.74
N VAL A 49 5.43 -21.70 -5.44
CA VAL A 49 6.62 -20.87 -5.69
C VAL A 49 6.84 -20.66 -7.16
N ARG A 50 6.92 -19.39 -7.56
CA ARG A 50 7.20 -18.96 -8.93
C ARG A 50 8.73 -18.77 -9.03
N CYS A 51 9.39 -19.56 -9.89
CA CYS A 51 10.84 -19.52 -10.10
C CYS A 51 11.14 -18.74 -11.35
N TRP A 52 11.72 -17.55 -11.23
CA TRP A 52 12.09 -16.72 -12.38
C TRP A 52 13.54 -16.95 -12.80
N TYR A 53 13.85 -16.76 -14.07
CA TYR A 53 15.19 -16.99 -14.59
C TYR A 53 15.44 -16.18 -15.84
N ARG A 54 16.70 -15.83 -16.10
CA ARG A 54 17.11 -15.16 -17.34
C ARG A 54 16.99 -16.21 -18.44
N THR A 55 16.27 -15.89 -19.54
CA THR A 55 16.06 -16.86 -20.62
C THR A 55 17.29 -17.08 -21.49
N SER A 56 18.19 -16.11 -21.54
CA SER A 56 19.40 -16.15 -22.36
C SER A 56 20.62 -16.48 -21.49
N HIS A 57 21.68 -16.99 -22.14
CA HIS A 57 22.94 -17.24 -21.43
C HIS A 57 23.72 -15.93 -21.36
N SER A 58 23.36 -14.93 -22.18
CA SER A 58 24.02 -13.63 -22.20
C SER A 58 23.39 -12.59 -21.26
N LYS A 59 24.22 -11.84 -20.53
CA LYS A 59 23.77 -10.77 -19.63
C LYS A 59 23.36 -9.50 -20.45
N ASP A 60 23.53 -9.53 -21.79
CA ASP A 60 23.11 -8.50 -22.74
C ASP A 60 21.57 -8.54 -22.87
N ASP A 61 20.95 -9.71 -22.58
CA ASP A 61 19.52 -9.91 -22.66
C ASP A 61 18.91 -9.96 -21.24
N ALA A 62 18.10 -8.94 -20.92
CA ALA A 62 17.45 -8.79 -19.61
C ALA A 62 16.15 -9.62 -19.45
N ALA A 63 15.61 -10.15 -20.57
CA ALA A 63 14.36 -10.92 -20.59
C ALA A 63 14.37 -12.12 -19.64
N THR A 64 13.25 -12.36 -18.98
CA THR A 64 13.07 -13.45 -18.02
C THR A 64 11.77 -14.20 -18.28
N ASP A 65 11.69 -15.42 -17.71
CA ASP A 65 10.50 -16.26 -17.73
C ASP A 65 10.41 -16.95 -16.37
N TRP A 66 9.33 -17.73 -16.13
CA TRP A 66 9.18 -18.41 -14.85
C TRP A 66 8.56 -19.81 -15.01
N LYS A 67 8.76 -20.67 -14.00
CA LYS A 67 8.20 -22.01 -13.89
C LYS A 67 7.79 -22.19 -12.45
N TRP A 68 6.78 -22.99 -12.17
CA TRP A 68 6.40 -23.31 -10.79
C TRP A 68 7.47 -24.24 -10.21
N ALA A 69 7.88 -24.03 -8.94
CA ALA A 69 8.86 -24.94 -8.29
C ALA A 69 8.24 -26.32 -8.15
N LYS A 70 9.05 -27.37 -8.33
CA LYS A 70 8.62 -28.76 -8.20
C LYS A 70 9.52 -29.46 -7.19
N ASN A 71 9.08 -30.63 -6.71
CA ASN A 71 9.87 -31.54 -5.89
C ASN A 71 10.52 -32.54 -6.86
N GLN A 72 11.49 -33.33 -6.40
CA GLN A 72 12.23 -34.30 -7.22
C GLN A 72 11.35 -35.38 -7.87
N ASP A 73 10.18 -35.70 -7.25
CA ASP A 73 9.23 -36.68 -7.77
C ASP A 73 8.28 -36.09 -8.83
N GLY A 74 8.42 -34.80 -9.14
CA GLY A 74 7.60 -34.12 -10.13
C GLY A 74 6.36 -33.42 -9.58
N SER A 75 6.07 -33.63 -8.28
CA SER A 75 4.95 -32.99 -7.59
C SER A 75 5.24 -31.47 -7.38
N ASP A 76 4.16 -30.67 -7.27
CA ASP A 76 4.28 -29.22 -7.05
C ASP A 76 4.87 -28.95 -5.69
N PHE A 77 5.85 -28.04 -5.63
CA PHE A 77 6.45 -27.68 -4.36
C PHE A 77 5.59 -26.60 -3.71
N THR A 78 5.18 -26.85 -2.48
CA THR A 78 4.39 -25.89 -1.71
C THR A 78 5.14 -25.53 -0.46
N ILE A 79 4.83 -24.34 0.06
CA ILE A 79 5.39 -23.87 1.32
C ILE A 79 4.24 -23.54 2.23
N ASP A 80 4.36 -23.90 3.50
CA ASP A 80 3.38 -23.65 4.54
C ASP A 80 3.69 -22.34 5.23
N GLY A 81 2.66 -21.65 5.69
CA GLY A 81 2.84 -20.40 6.40
C GLY A 81 1.60 -19.54 6.40
N TYR A 82 1.80 -18.24 6.54
CA TYR A 82 0.71 -17.28 6.64
C TYR A 82 1.01 -16.00 5.87
N TRP A 83 -0.05 -15.36 5.41
CA TRP A 83 -0.02 -14.11 4.68
C TRP A 83 -0.27 -12.96 5.63
N TRP A 84 0.34 -11.82 5.33
CA TRP A 84 0.04 -10.58 6.03
C TRP A 84 0.37 -9.37 5.17
N SER A 85 -0.50 -8.37 5.19
CA SER A 85 -0.32 -7.12 4.49
C SER A 85 -0.71 -5.97 5.43
N SER A 86 -0.03 -4.84 5.34
CA SER A 86 -0.43 -3.70 6.15
C SER A 86 -1.54 -3.03 5.36
N VAL A 87 -1.91 -1.80 5.72
CA VAL A 87 -2.88 -1.01 4.97
C VAL A 87 -2.36 -0.78 3.52
N SER A 88 -1.07 -1.15 3.24
CA SER A 88 -0.48 -1.09 1.90
C SER A 88 -1.17 -2.12 0.97
N PHE A 89 -1.67 -3.22 1.60
CA PHE A 89 -2.33 -4.36 0.99
C PHE A 89 -1.35 -5.17 0.09
N LYS A 90 -0.02 -4.99 0.33
CA LYS A 90 1.10 -5.70 -0.34
C LYS A 90 1.46 -6.94 0.53
N ASN A 91 0.99 -8.10 0.08
CA ASN A 91 1.06 -9.35 0.80
C ASN A 91 2.41 -10.02 0.83
N MET A 92 2.89 -10.30 2.05
CA MET A 92 4.13 -11.04 2.26
C MET A 92 3.71 -12.41 2.84
N PHE A 93 4.40 -13.46 2.39
CA PHE A 93 4.14 -14.81 2.88
C PHE A 93 5.25 -15.18 3.82
N TYR A 94 4.89 -15.65 5.03
CA TYR A 94 5.85 -16.01 6.06
C TYR A 94 5.88 -17.53 6.21
N THR A 95 7.05 -18.13 6.01
CA THR A 95 7.21 -19.56 6.09
C THR A 95 8.34 -19.97 7.02
N ASN A 96 8.30 -21.22 7.49
CA ASN A 96 9.36 -21.83 8.26
C ASN A 96 10.42 -22.37 7.28
N THR A 97 10.07 -22.60 5.99
CA THR A 97 11.04 -23.11 5.01
C THR A 97 12.12 -22.07 4.75
N SER A 98 13.41 -22.47 4.78
CA SER A 98 14.52 -21.55 4.56
C SER A 98 14.60 -21.09 3.08
N GLN A 99 15.23 -19.91 2.86
CA GLN A 99 15.45 -19.34 1.53
C GLN A 99 16.32 -20.25 0.69
N ASN A 100 17.32 -20.92 1.33
CA ASN A 100 18.23 -21.87 0.68
C ASN A 100 17.50 -23.11 0.14
N VAL A 101 16.55 -23.66 0.90
CA VAL A 101 15.73 -24.79 0.47
C VAL A 101 14.85 -24.38 -0.76
N ILE A 102 14.21 -23.20 -0.70
CA ILE A 102 13.36 -22.70 -1.80
C ILE A 102 14.19 -22.47 -3.05
N ARG A 103 15.39 -21.87 -2.89
CA ARG A 103 16.31 -21.61 -4.00
C ARG A 103 16.69 -22.93 -4.66
N GLN A 104 17.03 -23.94 -3.82
CA GLN A 104 17.42 -25.29 -4.24
C GLN A 104 16.30 -25.94 -5.07
N ARG A 105 15.03 -25.82 -4.62
CA ARG A 105 13.90 -26.35 -5.39
C ARG A 105 13.81 -25.69 -6.76
N CYS A 106 14.00 -24.36 -6.82
CA CYS A 106 13.97 -23.60 -8.09
C CYS A 106 15.08 -24.05 -9.03
N GLU A 107 16.30 -24.21 -8.49
CA GLU A 107 17.50 -24.61 -9.25
C GLU A 107 17.33 -26.01 -9.86
N GLU A 108 16.85 -26.98 -9.04
CA GLU A 108 16.60 -28.33 -9.51
C GLU A 108 15.44 -28.41 -10.50
N THR A 109 14.37 -27.59 -10.30
CA THR A 109 13.20 -27.59 -11.20
C THR A 109 13.57 -27.06 -12.60
N LEU A 110 14.27 -25.93 -12.64
CA LEU A 110 14.63 -25.28 -13.90
C LEU A 110 15.72 -26.03 -14.66
N ASP A 111 16.64 -26.71 -13.92
CA ASP A 111 17.78 -27.48 -14.44
C ASP A 111 18.41 -26.78 -15.64
N LEU A 112 18.87 -25.54 -15.40
CA LEU A 112 19.46 -24.69 -16.39
C LEU A 112 20.96 -24.71 -16.17
N ALA A 113 21.63 -25.28 -17.12
CA ALA A 113 23.08 -25.33 -17.19
C ALA A 113 23.63 -23.92 -17.53
N ASN A 114 22.88 -22.86 -17.17
CA ASN A 114 23.18 -21.46 -17.43
C ASN A 114 23.79 -20.77 -16.22
N GLU A 115 25.07 -20.35 -16.34
CA GLU A 115 25.82 -19.63 -15.31
C GLU A 115 25.15 -18.28 -14.96
N ASN A 116 24.41 -17.70 -15.94
CA ASN A 116 23.73 -16.42 -15.82
C ASN A 116 22.21 -16.54 -15.66
N ALA A 117 21.70 -17.71 -15.19
CA ALA A 117 20.27 -17.96 -14.97
C ALA A 117 19.68 -16.92 -14.01
N ASP A 118 20.50 -16.47 -13.03
CA ASP A 118 20.17 -15.41 -12.07
C ASP A 118 18.76 -15.57 -11.50
N ILE A 119 18.51 -16.77 -10.96
CA ILE A 119 17.22 -17.20 -10.43
C ILE A 119 16.77 -16.38 -9.22
N THR A 120 15.50 -15.96 -9.24
CA THR A 120 14.81 -15.28 -8.14
C THR A 120 13.47 -16.03 -7.96
N PHE A 121 12.84 -15.89 -6.79
CA PHE A 121 11.62 -16.64 -6.50
C PHE A 121 10.65 -15.86 -5.64
N PHE A 122 9.35 -16.17 -5.80
CA PHE A 122 8.26 -15.49 -5.09
C PHE A 122 7.16 -16.46 -4.76
N ALA A 123 6.30 -16.09 -3.79
CA ALA A 123 5.08 -16.85 -3.47
C ALA A 123 3.97 -16.40 -4.44
N ALA A 124 3.12 -17.34 -4.88
CA ALA A 124 2.02 -17.09 -5.81
C ALA A 124 1.06 -18.26 -5.74
N ASP A 125 -0.24 -17.98 -5.51
CA ASP A 125 -1.28 -19.00 -5.45
C ASP A 125 -1.60 -19.55 -6.85
N ASN A 126 -1.49 -18.71 -7.90
CA ASN A 126 -1.79 -19.04 -9.30
C ASN A 126 -1.11 -18.07 -10.29
N ARG A 127 -1.48 -18.18 -11.60
CA ARG A 127 -0.94 -17.32 -12.66
C ARG A 127 -1.37 -15.85 -12.54
N TYR A 128 -2.53 -15.59 -11.89
CA TYR A 128 -3.07 -14.24 -11.69
C TYR A 128 -2.30 -13.49 -10.59
N SER A 129 -1.58 -14.22 -9.72
CA SER A 129 -0.89 -13.59 -8.60
C SER A 129 0.30 -12.74 -9.00
N TYR A 130 0.52 -11.67 -8.24
CA TYR A 130 1.70 -10.88 -8.48
C TYR A 130 2.88 -11.52 -7.74
N ASN A 131 4.08 -10.92 -7.78
CA ASN A 131 5.25 -11.50 -7.16
C ASN A 131 5.32 -11.15 -5.69
N HIS A 132 4.92 -12.11 -4.82
CA HIS A 132 4.93 -11.88 -3.37
C HIS A 132 6.23 -12.32 -2.75
N THR A 133 6.82 -11.45 -1.91
CA THR A 133 8.06 -11.77 -1.20
C THR A 133 7.77 -12.86 -0.17
N ILE A 134 8.68 -13.82 -0.08
CA ILE A 134 8.66 -14.90 0.92
C ILE A 134 9.64 -14.51 2.02
N TRP A 135 9.13 -14.38 3.26
CA TRP A 135 9.95 -14.14 4.44
C TRP A 135 10.15 -15.51 5.13
N SER A 136 11.41 -15.94 5.30
CA SER A 136 11.69 -17.20 6.00
C SER A 136 11.94 -16.90 7.44
N ASN A 137 11.02 -17.34 8.31
CA ASN A 137 11.10 -17.16 9.75
C ASN A 137 12.34 -17.80 10.34
N ASP A 138 12.98 -17.10 11.25
CA ASP A 138 14.19 -17.57 11.94
C ASP A 138 13.83 -18.55 13.03
N ALA A 139 14.82 -19.37 13.42
CA ALA A 139 14.67 -20.33 14.52
C ALA A 139 14.75 -19.57 15.84
N ALA A 140 14.12 -20.08 16.90
CA ALA A 140 14.13 -19.48 18.23
C ALA A 140 15.54 -19.41 18.79
N MET A 141 16.36 -20.42 18.46
CA MET A 141 17.75 -20.48 18.89
C MET A 141 18.68 -20.19 17.72
N GLN A 142 18.88 -18.89 17.47
CA GLN A 142 19.77 -18.39 16.42
C GLN A 142 21.09 -18.06 17.07
N PRO A 143 22.24 -18.31 16.41
CA PRO A 143 23.50 -17.82 16.98
C PRO A 143 23.56 -16.29 16.81
N ASP A 144 24.39 -15.61 17.63
CA ASP A 144 24.59 -14.16 17.56
C ASP A 144 25.50 -13.91 16.35
N GLN A 145 24.88 -13.88 15.17
CA GLN A 145 25.55 -13.77 13.89
C GLN A 145 24.57 -13.18 12.87
N ILE A 146 25.08 -12.45 11.88
CA ILE A 146 24.23 -11.89 10.83
C ILE A 146 23.59 -13.06 10.07
N ASN A 147 22.26 -13.04 9.90
CA ASN A 147 21.60 -14.15 9.20
C ASN A 147 20.68 -13.66 8.08
N LYS A 148 20.66 -12.35 7.81
CA LYS A 148 19.88 -11.77 6.71
C LYS A 148 20.36 -10.38 6.40
N VAL A 149 20.03 -9.92 5.21
CA VAL A 149 20.30 -8.57 4.73
C VAL A 149 18.95 -7.86 4.49
N VAL A 150 18.80 -6.65 5.03
CA VAL A 150 17.61 -5.82 4.80
C VAL A 150 18.08 -4.56 4.08
N ALA A 151 17.56 -4.33 2.86
CA ALA A 151 18.00 -3.18 2.08
C ALA A 151 17.01 -2.05 2.08
N LEU A 152 17.52 -0.82 2.18
CA LEU A 152 16.72 0.39 2.12
C LEU A 152 17.37 1.32 1.14
N GLY A 153 16.56 1.99 0.34
CA GLY A 153 17.12 2.91 -0.63
C GLY A 153 16.30 3.20 -1.86
N ASP A 154 16.99 3.44 -2.96
CA ASP A 154 16.37 3.82 -4.23
C ASP A 154 16.64 2.79 -5.36
N SER A 155 16.72 3.23 -6.63
CA SER A 155 16.91 2.32 -7.78
C SER A 155 18.30 1.70 -7.85
N LEU A 156 19.24 2.16 -6.99
CA LEU A 156 20.55 1.51 -6.92
C LEU A 156 20.38 0.17 -6.16
N SER A 157 19.28 0.01 -5.38
CA SER A 157 19.04 -1.21 -4.62
C SER A 157 17.75 -1.93 -4.92
N ASP A 158 16.75 -1.26 -5.46
CA ASP A 158 15.45 -1.90 -5.69
C ASP A 158 15.52 -3.21 -6.53
N THR A 159 14.92 -4.30 -6.01
CA THR A 159 14.90 -5.60 -6.69
C THR A 159 13.48 -5.94 -7.22
N GLY A 160 12.52 -5.04 -7.01
CA GLY A 160 11.18 -5.27 -7.53
C GLY A 160 10.00 -4.54 -6.95
N ASN A 161 10.19 -3.64 -5.96
CA ASN A 161 9.07 -2.94 -5.33
C ASN A 161 8.30 -2.01 -6.26
N ILE A 162 8.99 -1.08 -6.97
CA ILE A 162 8.28 -0.18 -7.85
C ILE A 162 7.71 -0.95 -9.03
N PHE A 163 8.37 -2.04 -9.45
CA PHE A 163 7.93 -2.91 -10.55
C PHE A 163 6.59 -3.51 -10.20
N ASN A 164 6.50 -4.03 -8.98
CA ASN A 164 5.27 -4.63 -8.48
C ASN A 164 4.20 -3.57 -8.33
N ALA A 165 4.55 -2.43 -7.69
CA ALA A 165 3.61 -1.31 -7.54
C ALA A 165 3.04 -0.84 -8.90
N SER A 166 3.92 -0.69 -9.94
CA SER A 166 3.57 -0.24 -11.30
C SER A 166 2.85 -1.29 -12.17
N GLN A 167 2.59 -2.50 -11.62
CA GLN A 167 1.91 -3.62 -12.27
C GLN A 167 2.75 -4.20 -13.45
N TRP A 168 4.03 -4.53 -13.14
CA TRP A 168 5.04 -5.12 -14.04
C TRP A 168 5.34 -4.26 -15.32
N ARG A 169 5.18 -2.91 -15.25
CA ARG A 169 5.39 -2.01 -16.40
C ARG A 169 6.63 -1.12 -16.31
N PHE A 170 6.92 -0.63 -15.09
CA PHE A 170 8.05 0.24 -14.76
C PHE A 170 9.10 -0.53 -13.87
N PRO A 171 10.27 -0.95 -14.40
CA PRO A 171 10.77 -0.82 -15.79
C PRO A 171 10.36 -2.00 -16.67
N ASN A 172 10.30 -1.79 -18.01
CA ASN A 172 9.94 -2.80 -19.00
C ASN A 172 10.79 -4.09 -18.82
N PRO A 173 10.13 -5.26 -18.66
CA PRO A 173 10.88 -6.51 -18.39
C PRO A 173 11.66 -7.10 -19.55
N ASN A 174 11.62 -6.48 -20.73
CA ASN A 174 12.42 -6.98 -21.87
C ASN A 174 13.81 -6.31 -21.89
N SER A 175 13.92 -5.09 -21.36
CA SER A 175 15.17 -4.31 -21.36
C SER A 175 15.74 -4.06 -19.96
N TRP A 176 14.98 -4.37 -18.92
CA TRP A 176 15.42 -4.27 -17.51
C TRP A 176 15.10 -5.58 -16.84
N PHE A 177 16.08 -6.13 -16.14
CA PHE A 177 15.95 -7.45 -15.53
C PHE A 177 14.92 -7.52 -14.41
N LEU A 178 13.75 -8.11 -14.73
CA LEU A 178 12.64 -8.36 -13.79
C LEU A 178 12.54 -7.38 -12.58
N GLY A 179 12.19 -6.14 -12.86
CA GLY A 179 12.02 -5.09 -11.85
C GLY A 179 13.26 -4.51 -11.21
N HIS A 180 14.45 -4.89 -11.71
CA HIS A 180 15.71 -4.32 -11.23
C HIS A 180 16.08 -3.28 -12.31
N PHE A 181 16.58 -2.12 -11.91
CA PHE A 181 16.97 -1.09 -12.89
C PHE A 181 18.40 -1.35 -13.36
N SER A 182 18.60 -2.51 -14.01
CA SER A 182 19.89 -2.98 -14.54
C SER A 182 19.60 -4.18 -15.45
N ASN A 183 20.65 -4.80 -16.04
CA ASN A 183 20.50 -6.02 -16.86
C ASN A 183 20.66 -7.27 -15.99
N GLY A 184 20.67 -7.11 -14.67
CA GLY A 184 20.78 -8.23 -13.76
C GLY A 184 20.71 -7.80 -12.31
N PHE A 185 21.36 -8.60 -11.41
CA PHE A 185 21.39 -8.33 -9.97
C PHE A 185 22.01 -6.99 -9.63
N VAL A 186 21.54 -6.41 -8.51
CA VAL A 186 22.04 -5.14 -8.00
C VAL A 186 23.04 -5.46 -6.89
N TRP A 187 23.85 -4.49 -6.45
CA TRP A 187 24.94 -4.72 -5.47
C TRP A 187 24.50 -5.47 -4.18
N THR A 188 23.29 -5.19 -3.65
CA THR A 188 22.82 -5.83 -2.42
C THR A 188 22.65 -7.35 -2.61
N GLU A 189 22.20 -7.76 -3.80
CA GLU A 189 22.02 -9.20 -4.11
C GLU A 189 23.36 -9.88 -4.21
N TYR A 190 24.35 -9.20 -4.77
CA TYR A 190 25.70 -9.75 -4.82
C TYR A 190 26.33 -9.86 -3.42
N VAL A 191 26.12 -8.83 -2.55
CA VAL A 191 26.63 -8.85 -1.16
C VAL A 191 26.01 -10.06 -0.42
N ALA A 192 24.67 -10.18 -0.47
CA ALA A 192 23.93 -11.25 0.20
C ALA A 192 24.33 -12.63 -0.34
N LYS A 193 24.47 -12.78 -1.66
CA LYS A 193 24.91 -14.05 -2.26
C LYS A 193 26.30 -14.48 -1.84
N ALA A 194 27.27 -13.52 -1.79
CA ALA A 194 28.65 -13.79 -1.39
C ALA A 194 28.74 -14.34 0.03
N LYS A 195 27.75 -13.97 0.86
CA LYS A 195 27.70 -14.38 2.24
C LYS A 195 26.67 -15.47 2.50
N ASN A 196 26.01 -15.97 1.44
CA ASN A 196 24.94 -16.99 1.47
C ASN A 196 23.81 -16.55 2.44
N LEU A 197 23.39 -15.28 2.30
CA LEU A 197 22.37 -14.72 3.17
C LEU A 197 21.09 -14.37 2.41
N PRO A 198 19.93 -14.55 3.07
CA PRO A 198 18.66 -14.08 2.48
C PRO A 198 18.68 -12.54 2.37
N LEU A 199 18.06 -12.00 1.33
CA LEU A 199 17.96 -10.55 1.16
C LEU A 199 16.51 -10.15 1.12
N TYR A 200 16.12 -9.17 1.97
CA TYR A 200 14.74 -8.66 2.00
C TYR A 200 14.80 -7.19 1.67
N ASN A 201 14.13 -6.82 0.60
CA ASN A 201 14.24 -5.48 0.02
C ASN A 201 13.07 -4.56 0.30
N TRP A 202 13.40 -3.39 0.85
CA TRP A 202 12.44 -2.31 1.07
C TRP A 202 12.74 -1.11 0.17
N ALA A 203 13.88 -1.11 -0.57
CA ALA A 203 14.25 -0.01 -1.49
C ALA A 203 13.21 0.15 -2.59
N VAL A 204 12.99 1.39 -3.05
CA VAL A 204 11.97 1.66 -4.06
C VAL A 204 12.58 2.55 -5.12
N GLY A 205 12.56 2.09 -6.37
CA GLY A 205 13.07 2.88 -7.50
C GLY A 205 12.24 4.13 -7.75
N GLY A 206 12.86 5.25 -8.14
CA GLY A 206 12.12 6.45 -8.51
C GLY A 206 12.36 6.78 -9.98
N ALA A 207 12.22 8.07 -10.34
CA ALA A 207 12.50 8.48 -11.71
C ALA A 207 13.53 9.60 -11.67
N ALA A 208 14.76 9.29 -12.06
CA ALA A 208 15.89 10.22 -12.06
C ALA A 208 15.57 11.52 -12.82
N GLY A 209 15.65 12.63 -12.08
CA GLY A 209 15.43 13.98 -12.60
C GLY A 209 13.98 14.38 -12.77
N GLU A 210 13.04 13.52 -12.31
CA GLU A 210 11.60 13.75 -12.46
C GLU A 210 10.82 13.51 -11.15
N ASN A 211 9.56 13.97 -11.13
CA ASN A 211 8.70 13.94 -9.95
C ASN A 211 7.86 12.68 -9.80
N GLN A 212 7.93 11.71 -10.75
CA GLN A 212 7.16 10.47 -10.67
C GLN A 212 7.50 9.65 -9.43
N TYR A 213 6.46 9.21 -8.68
CA TYR A 213 6.52 8.37 -7.49
C TYR A 213 7.23 8.95 -6.25
N ILE A 214 7.63 10.24 -6.25
CA ILE A 214 8.43 10.83 -5.13
C ILE A 214 7.72 10.77 -3.76
N ALA A 215 6.38 10.82 -3.71
CA ALA A 215 5.69 10.70 -2.41
C ALA A 215 5.65 9.23 -1.92
N LEU A 216 5.99 8.27 -2.79
CA LEU A 216 5.98 6.83 -2.48
C LEU A 216 7.36 6.22 -2.19
N THR A 217 8.43 6.84 -2.69
CA THR A 217 9.79 6.27 -2.59
C THR A 217 10.60 6.64 -1.32
N GLY A 218 10.05 7.50 -0.46
CA GLY A 218 10.71 8.00 0.74
C GLY A 218 11.21 6.97 1.73
N VAL A 219 12.44 7.18 2.23
CA VAL A 219 13.08 6.30 3.22
C VAL A 219 12.26 6.15 4.54
N GLY A 220 11.49 7.18 4.90
CA GLY A 220 10.62 7.18 6.08
C GLY A 220 9.57 6.10 5.95
N GLU A 221 8.92 6.03 4.76
CA GLU A 221 7.89 5.02 4.47
C GLU A 221 8.50 3.61 4.41
N GLN A 222 9.76 3.50 3.89
CA GLN A 222 10.49 2.23 3.86
C GLN A 222 10.77 1.76 5.27
N VAL A 223 11.31 2.62 6.15
CA VAL A 223 11.57 2.23 7.57
C VAL A 223 10.25 1.82 8.26
N SER A 224 9.15 2.58 8.05
CA SER A 224 7.83 2.25 8.64
C SER A 224 7.36 0.88 8.19
N SER A 225 7.51 0.60 6.89
CA SER A 225 7.14 -0.68 6.31
C SER A 225 7.97 -1.83 6.91
N TYR A 226 9.31 -1.68 6.95
CA TYR A 226 10.18 -2.67 7.57
C TYR A 226 9.75 -2.92 9.02
N LEU A 227 9.45 -1.85 9.79
CA LEU A 227 9.04 -2.00 11.20
C LEU A 227 7.66 -2.70 11.37
N THR A 228 6.75 -2.53 10.40
CA THR A 228 5.43 -3.16 10.45
C THR A 228 5.51 -4.66 10.05
N TYR A 229 6.12 -4.95 8.90
CA TYR A 229 6.21 -6.33 8.42
C TYR A 229 7.05 -7.24 9.29
N THR A 230 8.12 -6.71 9.91
CA THR A 230 8.95 -7.58 10.76
C THR A 230 8.28 -7.93 12.08
N LYS A 231 7.23 -7.18 12.48
CA LYS A 231 6.44 -7.44 13.69
C LYS A 231 5.69 -8.79 13.51
N LEU A 232 5.34 -9.15 12.26
CA LEU A 232 4.66 -10.40 11.95
C LEU A 232 5.58 -11.63 11.88
N ALA A 233 6.90 -11.40 11.74
CA ALA A 233 7.89 -12.47 11.69
C ALA A 233 7.97 -13.20 13.04
N LYS A 234 8.30 -14.51 13.01
CA LYS A 234 8.51 -15.29 14.22
C LYS A 234 10.00 -15.24 14.56
N ASN A 235 10.34 -15.15 15.86
CA ASN A 235 11.73 -15.17 16.42
C ASN A 235 12.65 -14.13 15.77
N TYR A 236 12.10 -12.97 15.39
CA TYR A 236 12.89 -11.95 14.75
C TYR A 236 13.79 -11.22 15.73
N ASN A 237 15.10 -11.27 15.48
CA ASN A 237 16.04 -10.55 16.32
C ASN A 237 16.73 -9.54 15.42
N PRO A 238 16.36 -8.25 15.57
CA PRO A 238 16.95 -7.20 14.69
C PRO A 238 18.47 -7.08 14.75
N ALA A 239 19.10 -7.58 15.86
CA ALA A 239 20.56 -7.56 16.00
C ALA A 239 21.27 -8.47 14.97
N ASN A 240 20.53 -9.42 14.36
CA ASN A 240 21.08 -10.37 13.40
C ASN A 240 20.85 -9.95 11.94
N THR A 241 20.35 -8.72 11.75
CA THR A 241 20.11 -8.19 10.41
C THR A 241 21.25 -7.27 10.00
N LEU A 242 21.76 -7.47 8.78
CA LEU A 242 22.68 -6.52 8.20
C LEU A 242 21.82 -5.53 7.39
N PHE A 243 21.83 -4.25 7.79
CA PHE A 243 21.08 -3.20 7.09
C PHE A 243 21.94 -2.50 6.06
N THR A 244 21.41 -2.28 4.86
CA THR A 244 22.13 -1.50 3.87
C THR A 244 21.29 -0.28 3.65
N LEU A 245 21.95 0.87 3.42
CA LEU A 245 21.21 2.12 3.23
C LEU A 245 21.92 3.05 2.28
N GLU A 246 21.16 3.57 1.28
CA GLU A 246 21.65 4.55 0.32
C GLU A 246 20.45 5.26 -0.27
N PHE A 247 20.42 6.58 -0.20
CA PHE A 247 19.38 7.40 -0.83
C PHE A 247 19.82 8.85 -0.80
N GLY A 248 19.05 9.69 -1.47
CA GLY A 248 19.32 11.12 -1.53
C GLY A 248 19.45 11.62 -2.95
N LEU A 249 20.00 10.78 -3.89
CA LEU A 249 20.16 11.16 -5.29
C LEU A 249 18.84 11.55 -5.97
N ASN A 250 17.74 10.82 -5.69
CA ASN A 250 16.44 11.20 -6.28
C ASN A 250 16.06 12.68 -5.94
N ASP A 251 16.10 13.00 -4.64
CA ASP A 251 15.79 14.33 -4.12
C ASP A 251 16.70 15.41 -4.65
N PHE A 252 18.01 15.10 -4.84
CA PHE A 252 18.93 16.11 -5.39
C PHE A 252 18.69 16.35 -6.87
N MET A 253 18.31 15.30 -7.61
CA MET A 253 18.08 15.38 -9.06
C MET A 253 16.77 16.10 -9.45
N ASN A 254 15.71 16.06 -8.62
CA ASN A 254 14.43 16.72 -8.93
C ASN A 254 14.12 17.90 -8.01
N TYR A 255 15.06 18.26 -7.10
CA TYR A 255 14.92 19.39 -6.17
C TYR A 255 13.71 19.23 -5.20
N ASN A 256 13.24 17.98 -4.92
CA ASN A 256 12.13 17.68 -3.99
C ASN A 256 12.44 17.99 -2.50
N ARG A 257 13.63 17.62 -2.04
CA ARG A 257 14.10 17.88 -0.68
C ARG A 257 15.49 18.54 -0.80
N SER A 258 15.76 19.62 -0.03
CA SER A 258 17.04 20.37 0.00
C SER A 258 18.11 19.50 0.69
N VAL A 259 19.41 19.90 0.66
CA VAL A 259 20.46 19.14 1.37
C VAL A 259 20.07 18.93 2.88
N PRO A 260 19.75 19.99 3.66
CA PRO A 260 19.38 19.73 5.08
C PRO A 260 18.19 18.79 5.26
N GLU A 261 17.22 18.81 4.32
CA GLU A 261 16.05 17.92 4.39
C GLU A 261 16.44 16.49 4.15
N VAL A 262 17.38 16.25 3.23
CA VAL A 262 17.86 14.90 2.95
C VAL A 262 18.76 14.40 4.09
N LYS A 263 19.62 15.27 4.64
CA LYS A 263 20.44 14.94 5.83
C LYS A 263 19.54 14.54 7.00
N ALA A 264 18.45 15.31 7.24
CA ALA A 264 17.51 15.00 8.33
C ALA A 264 16.79 13.68 8.14
N ASP A 265 16.41 13.38 6.88
CA ASP A 265 15.74 12.12 6.54
C ASP A 265 16.67 10.94 6.80
N TYR A 266 17.95 11.08 6.40
CA TYR A 266 18.95 10.05 6.57
C TYR A 266 19.20 9.83 8.07
N ALA A 267 19.36 10.93 8.84
CA ALA A 267 19.60 10.84 10.29
C ALA A 267 18.41 10.19 11.00
N GLU A 268 17.18 10.47 10.51
CA GLU A 268 15.94 9.92 11.08
C GLU A 268 15.85 8.42 10.88
N ALA A 269 16.20 7.94 9.65
CA ALA A 269 16.20 6.50 9.30
C ALA A 269 17.09 5.73 10.27
N LEU A 270 18.32 6.22 10.52
CA LEU A 270 19.27 5.60 11.43
C LEU A 270 18.79 5.65 12.88
N ILE A 271 18.21 6.79 13.32
CA ILE A 271 17.64 6.92 14.70
C ILE A 271 16.55 5.87 14.90
N ARG A 272 15.59 5.81 13.92
CA ARG A 272 14.47 4.87 13.99
C ARG A 272 14.91 3.42 13.98
N LEU A 273 15.87 3.09 13.11
CA LEU A 273 16.38 1.72 13.00
C LEU A 273 17.15 1.26 14.23
N THR A 274 18.08 2.09 14.71
CA THR A 274 18.84 1.78 15.94
C THR A 274 17.95 1.74 17.17
N ASP A 275 16.90 2.59 17.23
CA ASP A 275 15.95 2.56 18.35
C ASP A 275 15.13 1.27 18.33
N ALA A 276 14.97 0.67 17.13
CA ALA A 276 14.24 -0.58 16.96
C ALA A 276 15.14 -1.84 17.02
N GLY A 277 16.35 -1.70 17.56
CA GLY A 277 17.28 -2.82 17.76
C GLY A 277 18.30 -3.12 16.67
N ALA A 278 18.41 -2.26 15.63
CA ALA A 278 19.41 -2.48 14.58
C ALA A 278 20.79 -2.22 15.14
N LYS A 279 21.76 -3.08 14.77
CA LYS A 279 23.14 -2.97 15.27
C LYS A 279 24.18 -2.94 14.16
N ASN A 280 23.83 -3.44 12.96
CA ASN A 280 24.78 -3.63 11.87
C ASN A 280 24.36 -2.92 10.60
N PHE A 281 25.25 -2.08 10.07
CA PHE A 281 24.97 -1.27 8.89
C PHE A 281 26.09 -1.24 7.89
N MET A 282 25.70 -1.34 6.62
CA MET A 282 26.57 -1.16 5.47
C MET A 282 26.12 0.18 4.88
N LEU A 283 26.93 1.22 5.05
CA LEU A 283 26.59 2.55 4.58
C LEU A 283 27.51 2.93 3.42
N MET A 284 27.06 3.85 2.58
CA MET A 284 27.90 4.26 1.47
C MET A 284 27.71 5.73 1.14
N THR A 285 28.78 6.36 0.62
CA THR A 285 28.70 7.73 0.15
C THR A 285 27.96 7.64 -1.21
N LEU A 286 27.38 8.73 -1.64
CA LEU A 286 26.62 8.77 -2.89
C LEU A 286 27.55 8.99 -4.07
N PRO A 287 27.41 8.21 -5.16
CA PRO A 287 28.23 8.48 -6.35
C PRO A 287 27.76 9.78 -6.99
N ASP A 288 28.67 10.48 -7.67
CA ASP A 288 28.30 11.68 -8.38
C ASP A 288 27.51 11.29 -9.64
N ALA A 289 26.17 11.29 -9.49
CA ALA A 289 25.22 10.95 -10.54
C ALA A 289 25.37 11.83 -11.79
N THR A 290 25.98 13.02 -11.65
CA THR A 290 26.21 13.94 -12.79
C THR A 290 27.25 13.39 -13.78
N LYS A 291 27.92 12.27 -13.43
CA LYS A 291 28.90 11.59 -14.29
C LYS A 291 28.21 10.52 -15.14
N ALA A 292 26.91 10.27 -14.89
CA ALA A 292 26.10 9.30 -15.63
C ALA A 292 25.67 9.89 -16.99
N PRO A 293 25.37 9.05 -18.02
CA PRO A 293 24.95 9.59 -19.35
C PRO A 293 23.74 10.53 -19.33
N GLN A 294 22.90 10.40 -18.31
CA GLN A 294 21.70 11.21 -18.08
C GLN A 294 21.99 12.72 -18.19
N PHE A 295 23.14 13.14 -17.62
CA PHE A 295 23.53 14.55 -17.51
C PHE A 295 24.18 15.13 -18.76
N LYS A 296 24.25 14.36 -19.84
CA LYS A 296 24.70 14.87 -21.14
C LYS A 296 23.64 15.89 -21.58
N TYR A 297 22.38 15.61 -21.21
CA TYR A 297 21.18 16.37 -21.59
C TYR A 297 20.76 17.45 -20.55
N SER A 298 21.54 17.61 -19.49
CA SER A 298 21.27 18.63 -18.47
C SER A 298 22.18 19.82 -18.71
N THR A 299 21.80 20.99 -18.18
CA THR A 299 22.63 22.18 -18.30
C THR A 299 23.76 22.11 -17.28
N GLN A 300 24.85 22.85 -17.53
CA GLN A 300 26.01 22.93 -16.63
C GLN A 300 25.60 23.48 -15.26
N GLU A 301 24.66 24.43 -15.22
CA GLU A 301 24.13 25.02 -14.00
C GLU A 301 23.47 23.94 -13.12
N GLU A 302 22.66 23.06 -13.73
CA GLU A 302 21.99 21.94 -13.06
C GLU A 302 23.02 20.94 -12.53
N ILE A 303 24.04 20.62 -13.36
CA ILE A 303 25.10 19.67 -13.01
C ILE A 303 25.89 20.12 -11.78
N GLU A 304 26.34 21.38 -11.78
CA GLU A 304 27.12 21.96 -10.68
C GLU A 304 26.32 22.03 -9.37
N THR A 305 25.01 22.28 -9.47
CA THR A 305 24.12 22.31 -8.31
C THR A 305 24.04 20.91 -7.68
N ILE A 306 23.76 19.87 -8.49
CA ILE A 306 23.63 18.48 -8.01
C ILE A 306 24.97 17.96 -7.46
N ARG A 307 26.07 18.20 -8.17
CA ARG A 307 27.41 17.80 -7.73
C ARG A 307 27.72 18.34 -6.31
N ALA A 308 27.46 19.66 -6.08
CA ALA A 308 27.67 20.32 -4.79
C ALA A 308 26.81 19.70 -3.66
N LYS A 309 25.55 19.34 -3.96
CA LYS A 309 24.64 18.71 -2.99
C LYS A 309 25.16 17.33 -2.59
N VAL A 310 25.65 16.57 -3.58
CA VAL A 310 26.23 15.24 -3.40
C VAL A 310 27.46 15.33 -2.48
N LEU A 311 28.37 16.28 -2.76
CA LEU A 311 29.58 16.45 -1.94
C LEU A 311 29.22 16.80 -0.47
N LYS A 312 28.26 17.71 -0.28
CA LYS A 312 27.77 18.12 1.04
C LYS A 312 27.17 16.90 1.80
N MET A 313 26.31 16.12 1.11
CA MET A 313 25.67 14.94 1.68
C MET A 313 26.71 13.88 2.10
N ASN A 314 27.75 13.69 1.27
CA ASN A 314 28.81 12.69 1.53
C ASN A 314 29.59 13.01 2.79
N GLU A 315 29.83 14.31 3.08
CA GLU A 315 30.50 14.66 4.33
C GLU A 315 29.61 14.31 5.53
N PHE A 316 28.29 14.50 5.36
CA PHE A 316 27.32 14.18 6.41
C PHE A 316 27.22 12.67 6.63
N ILE A 317 27.21 11.88 5.54
CA ILE A 317 27.16 10.41 5.62
C ILE A 317 28.38 9.90 6.42
N LYS A 318 29.59 10.44 6.14
CA LYS A 318 30.81 10.06 6.85
C LYS A 318 30.68 10.40 8.36
N ALA A 319 30.12 11.59 8.67
CA ALA A 319 29.93 12.04 10.07
C ALA A 319 28.95 11.11 10.80
N GLN A 320 27.86 10.69 10.12
CA GLN A 320 26.85 9.77 10.68
C GLN A 320 27.45 8.39 10.94
N ALA A 321 28.26 7.87 9.99
CA ALA A 321 28.97 6.59 10.17
C ALA A 321 29.85 6.63 11.43
N MET A 322 30.62 7.73 11.63
CA MET A 322 31.52 7.96 12.77
C MET A 322 30.71 8.05 14.07
N TYR A 323 29.55 8.73 14.00
CA TYR A 323 28.64 8.92 15.14
C TYR A 323 28.15 7.57 15.68
N TYR A 324 27.65 6.70 14.79
CA TYR A 324 27.15 5.38 15.20
C TYR A 324 28.27 4.42 15.59
N LYS A 325 29.42 4.51 14.93
CA LYS A 325 30.61 3.73 15.30
C LYS A 325 31.05 4.10 16.75
N ALA A 326 31.04 5.40 17.11
CA ALA A 326 31.41 5.88 18.46
C ALA A 326 30.47 5.38 19.54
N GLN A 327 29.24 5.05 19.16
CA GLN A 327 28.23 4.50 20.06
C GLN A 327 28.28 2.97 20.18
N GLY A 328 29.21 2.34 19.47
CA GLY A 328 29.38 0.89 19.55
C GLY A 328 28.65 0.05 18.53
N TYR A 329 28.02 0.70 17.51
CA TYR A 329 27.32 -0.03 16.44
C TYR A 329 28.36 -0.52 15.45
N ASN A 330 28.02 -1.59 14.71
CA ASN A 330 28.90 -2.15 13.68
C ASN A 330 28.61 -1.45 12.36
N ILE A 331 29.53 -0.56 11.97
CA ILE A 331 29.36 0.25 10.77
C ILE A 331 30.44 -0.01 9.77
N ALA A 332 30.06 -0.30 8.52
CA ALA A 332 31.04 -0.40 7.43
C ALA A 332 30.66 0.71 6.47
N LEU A 333 31.57 1.64 6.28
CA LEU A 333 31.32 2.75 5.37
C LEU A 333 32.18 2.56 4.12
N PHE A 334 31.55 2.49 2.95
CA PHE A 334 32.30 2.36 1.71
C PHE A 334 32.18 3.66 0.90
N ASP A 335 33.30 4.13 0.35
CA ASP A 335 33.30 5.34 -0.44
C ASP A 335 32.94 5.06 -1.92
N THR A 336 31.65 4.84 -2.20
CA THR A 336 31.13 4.59 -3.56
C THR A 336 31.39 5.80 -4.44
N HIS A 337 31.38 7.01 -3.85
CA HIS A 337 31.69 8.23 -4.59
C HIS A 337 33.10 8.15 -5.21
N ALA A 338 34.11 7.82 -4.38
CA ALA A 338 35.50 7.68 -4.85
C ALA A 338 35.65 6.60 -5.91
N LEU A 339 34.90 5.47 -5.78
CA LEU A 339 34.93 4.37 -6.74
C LEU A 339 34.37 4.80 -8.11
N PHE A 340 33.21 5.47 -8.13
CA PHE A 340 32.62 5.94 -9.39
C PHE A 340 33.44 7.06 -10.03
N GLU A 341 34.20 7.85 -9.22
CA GLU A 341 35.12 8.85 -9.81
C GLU A 341 36.19 8.13 -10.60
N LYS A 342 36.70 7.00 -10.07
CA LYS A 342 37.73 6.19 -10.75
C LYS A 342 37.16 5.48 -11.96
N LEU A 343 35.96 4.84 -11.81
CA LEU A 343 35.28 4.11 -12.89
C LEU A 343 34.98 4.97 -14.10
N THR A 344 34.52 6.23 -13.87
CA THR A 344 34.12 7.11 -14.97
C THR A 344 35.32 7.82 -15.61
N SER A 345 36.39 8.08 -14.85
CA SER A 345 37.58 8.73 -15.41
C SER A 345 38.56 7.75 -16.07
N ALA A 346 38.71 6.53 -15.51
CA ALA A 346 39.62 5.53 -16.08
C ALA A 346 38.96 4.14 -16.09
N PRO A 347 37.89 3.95 -16.92
CA PRO A 347 37.18 2.65 -16.96
C PRO A 347 38.07 1.45 -17.26
N GLU A 348 39.07 1.64 -18.15
CA GLU A 348 40.02 0.63 -18.61
C GLU A 348 40.84 0.02 -17.46
N GLU A 349 41.08 0.78 -16.38
CA GLU A 349 41.83 0.34 -15.21
C GLU A 349 41.00 -0.65 -14.36
N HIS A 350 39.67 -0.66 -14.56
CA HIS A 350 38.73 -1.46 -13.78
C HIS A 350 37.98 -2.54 -14.58
N GLY A 351 38.41 -2.79 -15.81
CA GLY A 351 37.83 -3.83 -16.66
C GLY A 351 36.65 -3.42 -17.52
N PHE A 352 36.48 -2.11 -17.78
CA PHE A 352 35.40 -1.59 -18.62
C PHE A 352 35.98 -0.87 -19.82
N VAL A 353 35.25 -0.86 -20.95
CA VAL A 353 35.69 -0.18 -22.17
C VAL A 353 34.99 1.16 -22.30
N ASN A 354 33.82 1.30 -21.65
CA ASN A 354 33.03 2.51 -21.79
C ASN A 354 32.32 2.89 -20.50
N ALA A 355 32.51 4.15 -20.06
CA ALA A 355 31.84 4.71 -18.89
C ALA A 355 31.05 5.98 -19.29
N SER A 356 30.95 6.28 -20.59
CA SER A 356 30.30 7.52 -21.02
C SER A 356 28.91 7.34 -21.65
N ASP A 357 28.60 6.13 -22.15
CA ASP A 357 27.33 5.85 -22.81
C ASP A 357 26.55 4.77 -22.14
N PRO A 358 25.20 4.76 -22.26
CA PRO A 358 24.43 3.61 -21.76
C PRO A 358 24.70 2.43 -22.68
N CYS A 359 24.59 1.22 -22.14
CA CYS A 359 24.72 0.03 -22.98
C CYS A 359 23.50 -0.01 -23.97
N LEU A 360 22.30 0.32 -23.45
CA LEU A 360 21.08 0.42 -24.24
C LEU A 360 21.13 1.64 -25.16
N ASP A 361 20.53 1.54 -26.37
CA ASP A 361 20.55 2.63 -27.35
C ASP A 361 19.54 3.73 -27.00
N ILE A 362 19.70 4.36 -25.81
CA ILE A 362 18.86 5.44 -25.26
C ILE A 362 19.71 6.73 -25.30
N ASN A 363 19.24 7.71 -26.07
CA ASN A 363 19.99 8.94 -26.31
C ASN A 363 19.25 10.23 -25.89
N ARG A 364 18.66 10.17 -24.70
CA ARG A 364 17.88 11.25 -24.06
C ARG A 364 17.60 10.82 -22.63
N SER A 365 17.11 11.75 -21.78
CA SER A 365 16.72 11.44 -20.41
C SER A 365 15.21 11.67 -20.21
N SER A 366 14.41 10.63 -20.50
CA SER A 366 12.95 10.63 -20.40
C SER A 366 12.46 9.36 -19.68
N SER A 367 11.78 9.50 -18.51
CA SER A 367 11.21 8.37 -17.74
C SER A 367 10.29 7.47 -18.60
N VAL A 368 9.73 8.02 -19.68
CA VAL A 368 8.86 7.35 -20.64
C VAL A 368 9.58 6.16 -21.31
N ASP A 369 10.92 6.27 -21.48
CA ASP A 369 11.73 5.20 -22.08
C ASP A 369 11.71 3.90 -21.26
N TYR A 370 11.43 4.00 -19.96
CA TYR A 370 11.36 2.80 -19.09
C TYR A 370 10.17 1.89 -19.38
N MET A 371 9.20 2.34 -20.19
CA MET A 371 8.03 1.56 -20.55
C MET A 371 8.24 0.72 -21.81
N TYR A 372 9.35 0.92 -22.53
CA TYR A 372 9.60 0.26 -23.81
C TYR A 372 10.83 -0.65 -23.86
N THR A 373 10.93 -1.41 -24.96
CA THR A 373 12.06 -2.28 -25.28
C THR A 373 13.07 -1.46 -26.06
N HIS A 374 14.36 -1.68 -25.80
CA HIS A 374 15.45 -0.99 -26.47
C HIS A 374 16.53 -1.96 -26.86
N SER A 375 17.10 -1.77 -28.04
CA SER A 375 18.24 -2.55 -28.51
C SER A 375 19.49 -2.00 -27.83
N LEU A 376 20.57 -2.77 -27.82
CA LEU A 376 21.86 -2.35 -27.29
C LEU A 376 22.48 -1.47 -28.36
N ARG A 377 23.22 -0.42 -27.97
CA ARG A 377 23.90 0.36 -29.01
C ARG A 377 25.04 -0.51 -29.55
N SER A 378 25.43 -0.30 -30.81
CA SER A 378 26.43 -1.13 -31.49
C SER A 378 27.70 -1.40 -30.64
N GLU A 379 28.29 -0.35 -30.03
CA GLU A 379 29.50 -0.51 -29.19
C GLU A 379 29.27 -1.51 -28.03
N CYS A 380 28.05 -1.56 -27.47
CA CYS A 380 27.79 -2.49 -26.37
C CYS A 380 27.54 -3.91 -26.86
N ALA A 381 26.89 -4.07 -28.03
CA ALA A 381 26.65 -5.38 -28.65
C ALA A 381 28.02 -6.02 -28.97
N ALA A 382 28.98 -5.20 -29.42
CA ALA A 382 30.35 -5.61 -29.76
C ALA A 382 31.15 -6.06 -28.51
N SER A 383 31.20 -5.22 -27.47
CA SER A 383 31.98 -5.50 -26.27
C SER A 383 31.31 -6.42 -25.25
N GLY A 384 29.98 -6.43 -25.21
CA GLY A 384 29.22 -7.15 -24.19
C GLY A 384 28.88 -6.16 -23.08
N ALA A 385 27.72 -6.35 -22.44
CA ALA A 385 27.24 -5.47 -21.37
C ALA A 385 28.14 -5.46 -20.13
N ASP A 386 28.96 -6.52 -19.93
CA ASP A 386 29.86 -6.60 -18.77
C ASP A 386 31.05 -5.60 -18.85
N LYS A 387 31.24 -4.97 -20.03
CA LYS A 387 32.32 -4.01 -20.30
C LYS A 387 31.84 -2.56 -20.31
N PHE A 388 30.56 -2.35 -20.00
CA PHE A 388 29.97 -1.00 -19.90
C PHE A 388 29.71 -0.74 -18.44
N VAL A 389 29.96 0.49 -18.00
CA VAL A 389 29.68 0.89 -16.63
C VAL A 389 28.15 1.08 -16.47
N PHE A 390 27.51 1.73 -17.45
CA PHE A 390 26.08 2.06 -17.40
C PHE A 390 25.21 1.22 -18.32
N TRP A 391 24.09 0.76 -17.79
CA TRP A 391 23.11 -0.03 -18.53
C TRP A 391 22.19 0.89 -19.30
N ASP A 392 21.61 1.87 -18.60
CA ASP A 392 20.72 2.85 -19.20
C ASP A 392 21.34 4.25 -18.95
N VAL A 393 20.58 5.36 -19.05
CA VAL A 393 21.22 6.69 -18.87
C VAL A 393 21.60 7.00 -17.39
N THR A 394 21.09 6.25 -16.43
CA THR A 394 21.35 6.50 -15.00
C THR A 394 22.00 5.35 -14.27
N HIS A 395 21.50 4.14 -14.51
CA HIS A 395 21.83 2.97 -13.71
C HIS A 395 23.03 2.18 -14.17
N PRO A 396 23.80 1.67 -13.18
CA PRO A 396 24.96 0.82 -13.52
C PRO A 396 24.50 -0.52 -14.10
N THR A 397 25.36 -1.16 -14.90
CA THR A 397 25.11 -2.50 -15.41
C THR A 397 25.30 -3.45 -14.20
N THR A 398 24.91 -4.73 -14.34
CA THR A 398 25.09 -5.72 -13.28
C THR A 398 26.60 -6.00 -13.02
N ALA A 399 27.48 -5.87 -14.06
CA ALA A 399 28.93 -5.99 -13.88
C ALA A 399 29.43 -4.90 -12.95
N THR A 400 28.90 -3.66 -13.09
CA THR A 400 29.27 -2.55 -12.19
C THR A 400 28.77 -2.81 -10.78
N HIS A 401 27.52 -3.27 -10.64
CA HIS A 401 26.93 -3.62 -9.35
C HIS A 401 27.75 -4.68 -8.66
N ARG A 402 28.27 -5.67 -9.44
CA ARG A 402 29.09 -6.75 -8.93
C ARG A 402 30.43 -6.20 -8.43
N TYR A 403 31.03 -5.28 -9.20
CA TYR A 403 32.29 -4.64 -8.83
C TYR A 403 32.15 -3.83 -7.53
N VAL A 404 31.06 -3.07 -7.39
CA VAL A 404 30.78 -2.29 -6.18
C VAL A 404 30.64 -3.27 -5.02
N ALA A 405 29.87 -4.34 -5.20
CA ALA A 405 29.68 -5.33 -4.13
C ALA A 405 31.01 -5.95 -3.69
N GLU A 406 31.86 -6.33 -4.66
CA GLU A 406 33.19 -6.91 -4.41
C GLU A 406 34.08 -5.91 -3.67
N LYS A 407 34.08 -4.64 -4.09
CA LYS A 407 34.90 -3.60 -3.45
C LYS A 407 34.44 -3.34 -2.01
N MET A 408 33.12 -3.36 -1.76
CA MET A 408 32.56 -3.19 -0.42
C MET A 408 32.92 -4.36 0.49
N LEU A 409 32.79 -5.59 -0.03
CA LEU A 409 33.11 -6.82 0.69
C LEU A 409 34.61 -6.85 1.05
N GLU A 410 35.49 -6.25 0.20
CA GLU A 410 36.93 -6.15 0.47
C GLU A 410 37.20 -5.12 1.58
N SER A 411 36.53 -3.95 1.54
CA SER A 411 36.68 -2.90 2.56
C SER A 411 36.23 -3.35 3.97
N SER A 412 35.14 -4.14 4.03
CA SER A 412 34.58 -4.68 5.27
C SER A 412 35.20 -6.06 5.63
N ASN A 413 36.33 -6.41 4.94
CA ASN A 413 37.12 -7.65 5.07
C ASN A 413 36.25 -8.92 5.14
N ASN A 414 35.15 -8.94 4.35
CA ASN A 414 34.14 -10.00 4.25
C ASN A 414 33.61 -10.37 5.65
N LEU A 415 32.75 -9.50 6.23
CA LEU A 415 32.15 -9.62 7.57
C LEU A 415 33.24 -9.62 8.67
N GLU A 416 33.87 -8.44 8.90
CA GLU A 416 34.94 -8.25 9.89
C GLU A 416 34.33 -7.64 11.15
N GLU A 417 33.72 -6.45 11.01
CA GLU A 417 33.05 -5.72 12.09
C GLU A 417 31.74 -6.40 12.47
N PHE A 418 31.05 -6.98 11.47
CA PHE A 418 29.78 -7.69 11.69
C PHE A 418 30.06 -9.15 12.06
N VAL B 32 -37.92 2.64 22.35
CA VAL B 32 -37.78 1.20 22.54
C VAL B 32 -37.46 0.91 24.03
N SER B 33 -38.47 0.38 24.71
CA SER B 33 -38.42 0.00 26.12
C SER B 33 -37.51 -1.22 26.38
N ALA B 34 -37.07 -1.38 27.63
CA ALA B 34 -36.22 -2.51 28.05
C ALA B 34 -36.94 -3.84 27.79
N ALA B 35 -38.30 -3.85 27.90
CA ALA B 35 -39.15 -5.04 27.68
C ALA B 35 -39.19 -5.37 26.19
N GLU B 36 -39.31 -4.35 25.34
CA GLU B 36 -39.30 -4.46 23.87
C GLU B 36 -37.95 -5.03 23.41
N VAL B 37 -36.84 -4.64 24.08
CA VAL B 37 -35.47 -5.11 23.77
C VAL B 37 -35.37 -6.62 24.11
N VAL B 38 -35.76 -7.03 25.33
CA VAL B 38 -35.72 -8.45 25.72
C VAL B 38 -36.58 -9.29 24.75
N SER B 39 -37.81 -8.84 24.45
CA SER B 39 -38.73 -9.52 23.52
C SER B 39 -38.12 -9.68 22.13
N ALA B 40 -37.39 -8.66 21.63
CA ALA B 40 -36.74 -8.76 20.31
C ALA B 40 -35.52 -9.71 20.38
N GLN B 41 -34.70 -9.63 21.45
CA GLN B 41 -33.49 -10.46 21.64
C GLN B 41 -33.83 -11.94 21.86
N GLU B 42 -34.99 -12.23 22.47
CA GLU B 42 -35.43 -13.59 22.74
C GLU B 42 -36.15 -14.21 21.54
N ASN B 43 -36.49 -13.42 20.52
CA ASN B 43 -37.14 -13.93 19.32
C ASN B 43 -36.06 -14.55 18.40
N GLN B 44 -35.41 -15.62 18.90
CA GLN B 44 -34.31 -16.34 18.26
C GLN B 44 -34.75 -17.11 17.00
N THR B 45 -33.95 -16.99 15.96
CA THR B 45 -34.17 -17.61 14.67
C THR B 45 -32.81 -17.89 14.05
N TYR B 46 -32.78 -18.19 12.78
CA TYR B 46 -31.55 -18.38 12.04
C TYR B 46 -31.77 -17.80 10.66
N THR B 47 -30.67 -17.51 9.98
CA THR B 47 -30.71 -16.99 8.62
C THR B 47 -29.49 -17.52 7.85
N TYR B 48 -29.44 -17.25 6.56
CA TYR B 48 -28.36 -17.65 5.68
C TYR B 48 -27.43 -16.49 5.39
N VAL B 49 -26.25 -16.77 4.78
CA VAL B 49 -25.27 -15.75 4.46
C VAL B 49 -25.02 -15.65 2.97
N ARG B 50 -25.22 -14.45 2.42
CA ARG B 50 -24.98 -14.12 1.03
C ARG B 50 -23.54 -13.61 0.92
N CYS B 51 -22.69 -14.32 0.16
CA CYS B 51 -21.27 -13.99 -0.04
C CYS B 51 -21.11 -13.30 -1.37
N TRP B 52 -20.81 -12.00 -1.37
CA TRP B 52 -20.60 -11.23 -2.60
C TRP B 52 -19.14 -11.18 -2.96
N TYR B 53 -18.85 -11.06 -4.26
CA TYR B 53 -17.48 -11.00 -4.73
C TYR B 53 -17.41 -10.29 -6.07
N ARG B 54 -16.26 -9.67 -6.36
CA ARG B 54 -15.99 -9.06 -7.66
C ARG B 54 -15.84 -10.24 -8.65
N THR B 55 -16.57 -10.21 -9.77
CA THR B 55 -16.54 -11.31 -10.75
C THR B 55 -15.26 -11.32 -11.60
N SER B 56 -14.60 -10.17 -11.73
CA SER B 56 -13.37 -10.04 -12.52
C SER B 56 -12.14 -10.00 -11.62
N HIS B 57 -10.97 -10.33 -12.17
CA HIS B 57 -9.72 -10.20 -11.44
C HIS B 57 -9.25 -8.73 -11.50
N SER B 58 -9.82 -7.94 -12.43
CA SER B 58 -9.47 -6.54 -12.61
C SER B 58 -10.34 -5.57 -11.78
N LYS B 59 -9.68 -4.56 -11.19
CA LYS B 59 -10.31 -3.48 -10.41
C LYS B 59 -11.05 -2.49 -11.35
N ASP B 60 -10.87 -2.67 -12.67
CA ASP B 60 -11.53 -1.87 -13.71
C ASP B 60 -13.01 -2.25 -13.80
N ASP B 61 -13.34 -3.50 -13.42
CA ASP B 61 -14.69 -4.03 -13.48
C ASP B 61 -15.33 -4.08 -12.10
N ALA B 62 -16.37 -3.24 -11.91
CA ALA B 62 -17.09 -3.09 -10.63
C ALA B 62 -18.16 -4.15 -10.39
N ALA B 63 -18.55 -4.90 -11.45
CA ALA B 63 -19.58 -5.95 -11.38
C ALA B 63 -19.29 -7.01 -10.31
N THR B 64 -20.35 -7.44 -9.63
CA THR B 64 -20.29 -8.43 -8.56
C THR B 64 -21.38 -9.49 -8.75
N ASP B 65 -21.24 -10.62 -8.03
CA ASP B 65 -22.23 -11.68 -7.97
C ASP B 65 -22.09 -12.28 -6.57
N TRP B 66 -22.94 -13.26 -6.25
CA TRP B 66 -22.94 -13.87 -4.94
C TRP B 66 -23.17 -15.36 -4.96
N LYS B 67 -22.92 -16.01 -3.82
CA LYS B 67 -23.16 -17.42 -3.55
C LYS B 67 -23.54 -17.52 -2.08
N TRP B 68 -24.36 -18.52 -1.73
CA TRP B 68 -24.72 -18.74 -0.33
C TRP B 68 -23.50 -19.34 0.37
N ALA B 69 -23.20 -18.90 1.62
CA ALA B 69 -22.08 -19.47 2.38
C ALA B 69 -22.37 -20.93 2.68
N LYS B 70 -21.33 -21.77 2.65
CA LYS B 70 -21.43 -23.20 2.93
C LYS B 70 -20.47 -23.57 4.06
N ASN B 71 -20.71 -24.73 4.70
CA ASN B 71 -19.80 -25.28 5.70
C ASN B 71 -18.81 -26.17 4.94
N GLN B 72 -17.73 -26.63 5.62
CA GLN B 72 -16.73 -27.52 5.01
C GLN B 72 -17.30 -28.87 4.53
N ASP B 73 -18.41 -29.32 5.14
CA ASP B 73 -19.08 -30.58 4.76
C ASP B 73 -20.08 -30.39 3.59
N GLY B 74 -20.18 -29.16 3.07
CA GLY B 74 -21.05 -28.84 1.95
C GLY B 74 -22.46 -28.38 2.29
N SER B 75 -22.88 -28.53 3.57
CA SER B 75 -24.20 -28.07 4.01
C SER B 75 -24.23 -26.54 4.05
N ASP B 76 -25.43 -25.96 3.97
CA ASP B 76 -25.65 -24.52 4.02
C ASP B 76 -25.21 -23.96 5.36
N PHE B 77 -24.45 -22.85 5.33
CA PHE B 77 -24.01 -22.21 6.55
C PHE B 77 -25.13 -21.30 7.06
N THR B 78 -25.54 -21.48 8.30
CA THR B 78 -26.56 -20.66 8.93
C THR B 78 -25.98 -20.01 10.17
N ILE B 79 -26.57 -18.89 10.55
CA ILE B 79 -26.20 -18.14 11.77
C ILE B 79 -27.41 -17.98 12.60
N ASP B 80 -27.28 -18.16 13.92
CA ASP B 80 -28.37 -17.99 14.88
C ASP B 80 -28.40 -16.55 15.39
N GLY B 81 -29.58 -16.06 15.70
CA GLY B 81 -29.73 -14.73 16.25
C GLY B 81 -31.12 -14.18 16.10
N TYR B 82 -31.23 -12.86 16.09
CA TYR B 82 -32.53 -12.18 16.03
C TYR B 82 -32.46 -10.95 15.13
N TRP B 83 -33.61 -10.62 14.55
CA TRP B 83 -33.79 -9.48 13.68
C TRP B 83 -34.37 -8.31 14.46
N TRP B 84 -34.03 -7.10 14.04
CA TRP B 84 -34.67 -5.90 14.54
C TRP B 84 -34.57 -4.76 13.55
N SER B 85 -35.67 -4.01 13.39
CA SER B 85 -35.72 -2.83 12.53
C SER B 85 -36.46 -1.71 13.25
N LYS B 90 -33.77 -0.36 7.48
CA LYS B 90 -34.18 -1.76 7.38
C LYS B 90 -33.59 -2.67 8.49
N ASN B 91 -33.89 -3.96 8.38
CA ASN B 91 -33.57 -5.05 9.28
C ASN B 91 -32.09 -5.39 9.46
N MET B 92 -31.65 -5.42 10.71
CA MET B 92 -30.30 -5.84 11.07
C MET B 92 -30.43 -7.19 11.80
N PHE B 93 -29.50 -8.12 11.52
CA PHE B 93 -29.48 -9.42 12.16
C PHE B 93 -28.38 -9.42 13.19
N TYR B 94 -28.71 -9.81 14.42
CA TYR B 94 -27.78 -9.84 15.55
C TYR B 94 -27.41 -11.28 15.88
N THR B 95 -26.12 -11.61 15.81
CA THR B 95 -25.67 -12.97 16.09
C THR B 95 -24.52 -12.97 17.08
N ASN B 96 -24.28 -14.14 17.68
CA ASN B 96 -23.13 -14.37 18.55
C ASN B 96 -21.94 -14.77 17.70
N THR B 97 -22.16 -15.27 16.46
CA THR B 97 -21.06 -15.66 15.56
C THR B 97 -20.22 -14.44 15.17
N SER B 98 -18.89 -14.56 15.26
CA SER B 98 -17.99 -13.46 14.93
C SER B 98 -17.93 -13.17 13.43
N GLN B 99 -17.58 -11.92 13.09
CA GLN B 99 -17.43 -11.45 11.70
C GLN B 99 -16.33 -12.25 10.98
N ASN B 100 -15.26 -12.61 11.72
CA ASN B 100 -14.12 -13.38 11.21
C ASN B 100 -14.52 -14.80 10.80
N VAL B 101 -15.38 -15.45 11.61
CA VAL B 101 -15.91 -16.80 11.30
C VAL B 101 -16.78 -16.74 10.01
N ILE B 102 -17.68 -15.74 9.90
CA ILE B 102 -18.55 -15.58 8.73
C ILE B 102 -17.70 -15.31 7.46
N ARG B 103 -16.69 -14.43 7.58
CA ARG B 103 -15.80 -14.10 6.48
C ARG B 103 -15.09 -15.35 5.96
N GLN B 104 -14.54 -16.18 6.90
CA GLN B 104 -13.82 -17.42 6.62
C GLN B 104 -14.70 -18.34 5.79
N ARG B 105 -15.98 -18.49 6.22
CA ARG B 105 -17.00 -19.31 5.57
C ARG B 105 -17.23 -18.85 4.13
N CYS B 106 -17.28 -17.53 3.89
CA CYS B 106 -17.43 -16.97 2.55
C CYS B 106 -16.22 -17.23 1.67
N GLU B 107 -15.00 -17.03 2.24
CA GLU B 107 -13.72 -17.22 1.56
C GLU B 107 -13.53 -18.67 1.10
N GLU B 108 -13.79 -19.63 2.01
CA GLU B 108 -13.70 -21.06 1.72
C GLU B 108 -14.77 -21.53 0.73
N THR B 109 -16.01 -20.97 0.83
CA THR B 109 -17.11 -21.34 -0.09
C THR B 109 -16.81 -20.91 -1.54
N LEU B 110 -16.38 -19.65 -1.71
CA LEU B 110 -16.13 -19.08 -3.02
C LEU B 110 -14.87 -19.65 -3.68
N ASP B 111 -13.84 -19.98 -2.86
CA ASP B 111 -12.51 -20.50 -3.25
C ASP B 111 -12.06 -19.83 -4.55
N LEU B 112 -11.92 -18.50 -4.52
CA LEU B 112 -11.63 -17.76 -5.74
C LEU B 112 -10.18 -17.60 -6.17
N ALA B 113 -9.19 -17.47 -5.25
CA ALA B 113 -7.76 -17.19 -5.55
C ALA B 113 -7.60 -15.94 -6.47
N ASN B 114 -8.54 -15.00 -6.30
CA ASN B 114 -8.63 -13.69 -6.94
C ASN B 114 -8.20 -12.75 -5.84
N GLU B 115 -7.08 -12.04 -6.05
CA GLU B 115 -6.55 -11.10 -5.06
C GLU B 115 -7.52 -9.90 -4.88
N ASN B 116 -8.34 -9.63 -5.91
CA ASN B 116 -9.32 -8.55 -5.96
C ASN B 116 -10.77 -9.01 -5.78
N ALA B 117 -11.00 -10.22 -5.21
CA ALA B 117 -12.34 -10.76 -4.95
C ALA B 117 -13.19 -9.79 -4.12
N ASP B 118 -12.54 -9.05 -3.20
CA ASP B 118 -13.11 -8.01 -2.36
C ASP B 118 -14.46 -8.44 -1.77
N ILE B 119 -14.44 -9.60 -1.10
CA ILE B 119 -15.58 -10.28 -0.54
C ILE B 119 -16.27 -9.47 0.55
N THR B 120 -17.61 -9.38 0.47
CA THR B 120 -18.46 -8.78 1.50
C THR B 120 -19.59 -9.79 1.75
N PHE B 121 -20.27 -9.67 2.89
CA PHE B 121 -21.31 -10.63 3.24
C PHE B 121 -22.46 -9.98 3.99
N PHE B 122 -23.64 -10.58 3.86
CA PHE B 122 -24.88 -10.09 4.45
C PHE B 122 -25.76 -11.24 4.87
N ALA B 123 -26.73 -10.95 5.75
CA ALA B 123 -27.75 -11.94 6.14
C ALA B 123 -28.88 -11.85 5.08
N ALA B 124 -29.47 -13.00 4.73
CA ALA B 124 -30.56 -13.11 3.77
C ALA B 124 -31.25 -14.44 3.97
N ASP B 125 -32.59 -14.42 4.12
CA ASP B 125 -33.41 -15.63 4.27
C ASP B 125 -33.53 -16.40 2.95
N ASN B 126 -33.56 -15.66 1.80
CA ASN B 126 -33.71 -16.21 0.44
C ASN B 126 -33.14 -15.24 -0.63
N ARG B 127 -33.17 -15.67 -1.93
CA ARG B 127 -32.67 -14.91 -3.08
C ARG B 127 -33.32 -13.54 -3.28
N TYR B 128 -34.53 -13.34 -2.73
CA TYR B 128 -35.29 -12.10 -2.88
C TYR B 128 -35.04 -11.09 -1.71
N SER B 129 -34.42 -11.54 -0.60
CA SER B 129 -34.06 -10.66 0.52
C SER B 129 -33.07 -9.58 0.08
N TYR B 130 -33.14 -8.39 0.75
CA TYR B 130 -32.20 -7.26 0.58
C TYR B 130 -30.86 -7.69 1.26
N ASN B 131 -29.85 -6.85 1.18
CA ASN B 131 -28.58 -7.12 1.85
C ASN B 131 -28.65 -6.59 3.28
N HIS B 132 -28.88 -7.51 4.24
CA HIS B 132 -28.97 -7.12 5.65
C HIS B 132 -27.65 -7.20 6.36
N THR B 133 -27.31 -6.14 7.11
CA THR B 133 -26.07 -6.09 7.88
C THR B 133 -26.17 -7.09 9.03
N ILE B 134 -25.08 -7.82 9.27
CA ILE B 134 -24.95 -8.77 10.38
C ILE B 134 -24.15 -8.06 11.48
N TRP B 135 -24.74 -7.90 12.66
CA TRP B 135 -24.09 -7.33 13.85
C TRP B 135 -23.63 -8.50 14.72
N SER B 136 -22.32 -8.60 14.99
CA SER B 136 -21.80 -9.64 15.86
C SER B 136 -21.78 -9.11 17.30
N ASN B 137 -22.65 -9.66 18.15
CA ASN B 137 -22.76 -9.25 19.55
C ASN B 137 -21.46 -9.49 20.31
N ASP B 138 -21.12 -8.53 21.17
CA ASP B 138 -19.92 -8.57 21.99
C ASP B 138 -20.13 -9.44 23.21
N ALA B 139 -19.01 -9.93 23.78
CA ALA B 139 -19.05 -10.73 25.00
C ALA B 139 -19.26 -9.79 26.18
N ALA B 140 -19.83 -10.29 27.28
CA ALA B 140 -20.09 -9.53 28.51
C ALA B 140 -18.81 -8.94 29.11
N MET B 141 -17.71 -9.70 29.08
CA MET B 141 -16.42 -9.22 29.56
C MET B 141 -15.63 -8.77 28.33
N GLN B 142 -15.36 -7.46 28.27
CA GLN B 142 -14.62 -6.85 27.17
C GLN B 142 -13.45 -6.08 27.73
N PRO B 143 -12.23 -6.21 27.16
CA PRO B 143 -11.14 -5.33 27.60
C PRO B 143 -11.43 -3.90 27.09
N ASP B 144 -10.85 -2.88 27.74
CA ASP B 144 -11.00 -1.48 27.34
C ASP B 144 -10.11 -1.27 26.13
N GLN B 145 -10.63 -1.65 24.95
CA GLN B 145 -9.90 -1.63 23.69
C GLN B 145 -10.90 -1.52 22.55
N ILE B 146 -10.50 -0.89 21.46
CA ILE B 146 -11.35 -0.75 20.27
C ILE B 146 -11.63 -2.15 19.70
N ASN B 147 -12.90 -2.49 19.49
CA ASN B 147 -13.22 -3.83 18.97
C ASN B 147 -14.14 -3.76 17.73
N LYS B 148 -14.45 -2.54 17.25
CA LYS B 148 -15.26 -2.34 16.06
C LYS B 148 -15.12 -0.92 15.58
N VAL B 149 -15.47 -0.72 14.33
CA VAL B 149 -15.50 0.58 13.65
C VAL B 149 -16.97 0.89 13.26
N VAL B 150 -17.47 2.08 13.61
CA VAL B 150 -18.80 2.54 13.21
C VAL B 150 -18.61 3.78 12.34
N ALA B 151 -19.10 3.72 11.09
CA ALA B 151 -18.91 4.83 10.17
C ALA B 151 -20.16 5.67 10.01
N LEU B 152 -19.97 6.98 9.95
CA LEU B 152 -21.04 7.94 9.74
C LEU B 152 -20.58 8.90 8.66
N GLY B 153 -21.49 9.29 7.79
CA GLY B 153 -21.13 10.22 6.74
C GLY B 153 -21.93 10.13 5.47
N ASP B 154 -21.25 10.40 4.36
CA ASP B 154 -21.88 10.46 3.05
C ASP B 154 -21.30 9.41 2.06
N SER B 155 -21.28 9.73 0.74
CA SER B 155 -20.80 8.80 -0.29
C SER B 155 -19.29 8.54 -0.25
N LEU B 156 -18.55 9.28 0.57
CA LEU B 156 -17.13 8.97 0.76
C LEU B 156 -16.98 7.74 1.65
N SER B 157 -18.05 7.40 2.41
CA SER B 157 -18.01 6.24 3.32
C SER B 157 -19.07 5.20 3.08
N ASP B 158 -20.20 5.56 2.41
CA ASP B 158 -21.28 4.58 2.27
C ASP B 158 -20.86 3.28 1.60
N THR B 159 -21.18 2.15 2.24
CA THR B 159 -20.88 0.80 1.73
C THR B 159 -22.14 0.09 1.22
N GLY B 160 -23.31 0.72 1.31
CA GLY B 160 -24.52 0.10 0.78
C GLY B 160 -25.88 0.57 1.24
N ASN B 161 -25.96 1.60 2.11
CA ASN B 161 -27.27 2.05 2.63
C ASN B 161 -28.19 2.66 1.57
N ILE B 162 -27.71 3.63 0.77
CA ILE B 162 -28.55 4.22 -0.27
C ILE B 162 -28.87 3.17 -1.34
N PHE B 163 -27.92 2.25 -1.60
CA PHE B 163 -28.06 1.15 -2.56
C PHE B 163 -29.19 0.20 -2.14
N ASN B 164 -29.26 -0.17 -0.83
CA ASN B 164 -30.37 -1.03 -0.37
C ASN B 164 -31.71 -0.28 -0.41
N ALA B 165 -31.75 1.00 0.03
CA ALA B 165 -32.92 1.89 0.06
C ALA B 165 -33.48 2.24 -1.33
N SER B 166 -32.63 2.21 -2.38
CA SER B 166 -33.01 2.53 -3.77
C SER B 166 -33.36 1.24 -4.54
N GLN B 167 -33.45 0.10 -3.81
CA GLN B 167 -33.75 -1.23 -4.34
C GLN B 167 -32.69 -1.66 -5.37
N TRP B 168 -31.39 -1.53 -4.98
CA TRP B 168 -30.19 -1.89 -5.77
C TRP B 168 -30.06 -1.17 -7.13
N ARG B 169 -30.58 0.08 -7.22
CA ARG B 169 -30.52 0.85 -8.49
C ARG B 169 -29.54 2.04 -8.42
N PHE B 170 -29.40 2.68 -7.26
CA PHE B 170 -28.54 3.84 -7.13
C PHE B 170 -27.44 3.55 -6.08
N PRO B 171 -26.14 3.36 -6.47
CA PRO B 171 -25.59 3.44 -7.83
C PRO B 171 -25.67 2.11 -8.56
N ASN B 172 -25.72 2.17 -9.92
CA ASN B 172 -25.78 1.02 -10.82
C ASN B 172 -24.68 -0.01 -10.47
N PRO B 173 -25.05 -1.29 -10.16
CA PRO B 173 -24.03 -2.27 -9.74
C PRO B 173 -23.09 -2.79 -10.84
N ASN B 174 -23.24 -2.33 -12.10
CA ASN B 174 -22.32 -2.72 -13.16
C ASN B 174 -21.13 -1.75 -13.22
N SER B 175 -21.34 -0.48 -12.83
CA SER B 175 -20.32 0.57 -12.91
C SER B 175 -19.86 1.09 -11.53
N TRP B 176 -20.55 0.72 -10.46
CA TRP B 176 -20.17 1.05 -9.09
C TRP B 176 -20.18 -0.23 -8.28
N PHE B 177 -19.12 -0.44 -7.50
CA PHE B 177 -18.95 -1.67 -6.75
C PHE B 177 -19.97 -1.86 -5.64
N LEU B 178 -20.96 -2.74 -5.89
CA LEU B 178 -22.02 -3.13 -4.95
C LEU B 178 -22.38 -2.07 -3.88
N GLY B 179 -22.97 -0.97 -4.31
CA GLY B 179 -23.40 0.05 -3.36
C GLY B 179 -22.36 1.01 -2.85
N HIS B 180 -21.10 0.84 -3.29
CA HIS B 180 -20.03 1.73 -2.90
C HIS B 180 -19.93 2.74 -4.04
N PHE B 181 -19.70 4.01 -3.72
CA PHE B 181 -19.52 5.04 -4.76
C PHE B 181 -18.05 5.03 -5.18
N SER B 182 -17.62 3.91 -5.77
CA SER B 182 -16.24 3.68 -6.23
C SER B 182 -16.20 2.35 -6.98
N ASN B 183 -15.00 1.92 -7.44
CA ASN B 183 -14.84 0.63 -8.12
C ASN B 183 -14.43 -0.46 -7.12
N GLY B 184 -14.51 -0.16 -5.85
CA GLY B 184 -14.17 -1.11 -4.81
C GLY B 184 -14.39 -0.56 -3.43
N PHE B 185 -13.61 -1.08 -2.44
CA PHE B 185 -13.71 -0.65 -1.04
C PHE B 185 -13.46 0.84 -0.87
N VAL B 186 -14.10 1.42 0.16
CA VAL B 186 -13.95 2.83 0.52
C VAL B 186 -12.96 2.87 1.70
N TRP B 187 -12.43 4.06 2.03
CA TRP B 187 -11.36 4.20 3.06
C TRP B 187 -11.67 3.52 4.42
N THR B 188 -12.93 3.56 4.90
CA THR B 188 -13.29 2.95 6.20
C THR B 188 -13.08 1.44 6.19
N GLU B 189 -13.35 0.78 5.04
CA GLU B 189 -13.20 -0.68 4.91
C GLU B 189 -11.74 -1.01 4.92
N TYR B 190 -10.91 -0.20 4.29
CA TYR B 190 -9.46 -0.41 4.33
C TYR B 190 -8.90 -0.22 5.76
N VAL B 191 -9.36 0.82 6.49
CA VAL B 191 -8.92 1.08 7.89
C VAL B 191 -9.28 -0.14 8.76
N ALA B 192 -10.56 -0.57 8.73
CA ALA B 192 -11.07 -1.68 9.53
C ALA B 192 -10.35 -3.00 9.19
N LYS B 193 -10.13 -3.27 7.87
CA LYS B 193 -9.42 -4.48 7.44
C LYS B 193 -7.98 -4.52 7.91
N ALA B 194 -7.25 -3.38 7.83
CA ALA B 194 -5.86 -3.28 8.26
C ALA B 194 -5.70 -3.61 9.73
N LYS B 195 -6.76 -3.36 10.53
CA LYS B 195 -6.78 -3.58 11.97
C LYS B 195 -7.55 -4.80 12.37
N ASN B 196 -8.04 -5.59 11.38
CA ASN B 196 -8.84 -6.81 11.57
C ASN B 196 -10.06 -6.52 12.48
N LEU B 197 -10.74 -5.41 12.20
CA LEU B 197 -11.89 -5.01 13.01
C LEU B 197 -13.17 -5.07 12.19
N PRO B 198 -14.30 -5.45 12.83
CA PRO B 198 -15.59 -5.39 12.14
C PRO B 198 -15.94 -3.92 11.82
N LEU B 199 -16.57 -3.68 10.68
CA LEU B 199 -17.03 -2.36 10.29
C LEU B 199 -18.53 -2.36 10.13
N TYR B 200 -19.20 -1.41 10.81
CA TYR B 200 -20.66 -1.26 10.75
C TYR B 200 -20.96 0.12 10.20
N ASN B 201 -21.63 0.16 9.05
CA ASN B 201 -21.85 1.42 8.33
C ASN B 201 -23.23 2.05 8.46
N TRP B 202 -23.24 3.32 8.89
CA TRP B 202 -24.45 4.14 8.97
C TRP B 202 -24.41 5.29 7.96
N ALA B 203 -23.26 5.48 7.27
CA ALA B 203 -23.13 6.52 6.24
C ALA B 203 -24.11 6.31 5.08
N VAL B 204 -24.63 7.42 4.48
CA VAL B 204 -25.62 7.32 3.39
C VAL B 204 -25.19 8.19 2.22
N GLY B 205 -25.04 7.60 1.05
CA GLY B 205 -24.65 8.28 -0.17
C GLY B 205 -25.66 9.34 -0.55
N GLY B 206 -25.12 10.55 -0.74
CA GLY B 206 -25.86 11.78 -1.05
C GLY B 206 -26.39 12.43 0.22
N ALA B 207 -25.94 11.95 1.41
CA ALA B 207 -26.42 12.52 2.68
C ALA B 207 -25.91 13.93 2.95
N ALA B 208 -26.84 14.76 3.40
CA ALA B 208 -26.64 16.11 3.89
C ALA B 208 -26.73 15.96 5.43
N GLY B 209 -26.58 17.07 6.17
CA GLY B 209 -26.61 17.11 7.63
C GLY B 209 -27.99 16.79 8.13
N GLU B 210 -28.99 17.25 7.37
CA GLU B 210 -30.42 17.09 7.61
C GLU B 210 -31.05 16.49 6.34
N ASN B 211 -32.26 15.92 6.47
CA ASN B 211 -32.99 15.34 5.33
C ASN B 211 -33.49 16.41 4.36
N GLN B 212 -33.55 16.09 3.06
CA GLN B 212 -33.99 17.02 2.03
C GLN B 212 -35.21 16.48 1.28
N GLY B 218 -30.50 12.19 6.04
CA GLY B 218 -29.31 12.91 6.46
C GLY B 218 -28.58 12.34 7.67
N VAL B 219 -27.51 13.06 8.10
CA VAL B 219 -26.66 12.59 9.22
C VAL B 219 -27.42 12.42 10.50
N GLY B 220 -28.33 13.34 10.81
CA GLY B 220 -29.14 13.25 12.03
C GLY B 220 -29.89 11.93 12.10
N GLU B 221 -30.48 11.50 10.95
CA GLU B 221 -31.16 10.19 10.86
C GLU B 221 -30.17 9.01 11.12
N GLN B 222 -28.87 9.10 10.66
CA GLN B 222 -27.79 8.11 10.93
C GLN B 222 -27.45 7.98 12.44
N VAL B 223 -27.19 9.12 13.09
CA VAL B 223 -26.84 9.14 14.51
C VAL B 223 -28.04 8.64 15.35
N SER B 224 -29.29 8.91 14.88
CA SER B 224 -30.53 8.46 15.53
C SER B 224 -30.68 6.98 15.32
N SER B 225 -30.44 6.51 14.09
CA SER B 225 -30.51 5.09 13.75
C SER B 225 -29.50 4.30 14.61
N TYR B 226 -28.20 4.65 14.54
CA TYR B 226 -27.14 3.98 15.28
C TYR B 226 -27.53 3.73 16.77
N LEU B 227 -27.99 4.79 17.47
CA LEU B 227 -28.40 4.78 18.89
C LEU B 227 -29.55 3.84 19.13
N THR B 228 -30.48 3.80 18.18
CA THR B 228 -31.65 2.95 18.26
C THR B 228 -31.22 1.48 18.06
N TYR B 229 -30.44 1.21 16.99
CA TYR B 229 -30.04 -0.15 16.67
C TYR B 229 -29.07 -0.77 17.71
N THR B 230 -28.23 0.03 18.38
CA THR B 230 -27.30 -0.51 19.38
C THR B 230 -27.96 -0.75 20.73
N LYS B 231 -29.19 -0.22 20.93
CA LYS B 231 -30.01 -0.51 22.11
C LYS B 231 -30.39 -2.02 22.05
N LEU B 232 -30.50 -2.58 20.82
CA LEU B 232 -30.83 -4.00 20.62
C LEU B 232 -29.62 -4.93 20.73
N ALA B 233 -28.38 -4.39 20.62
CA ALA B 233 -27.14 -5.18 20.72
C ALA B 233 -26.97 -5.67 22.15
N LYS B 234 -26.28 -6.79 22.31
CA LYS B 234 -26.01 -7.34 23.64
C LYS B 234 -24.62 -6.94 24.05
N ASN B 235 -24.46 -6.52 25.33
CA ASN B 235 -23.19 -6.16 25.94
C ASN B 235 -22.47 -5.04 25.18
N TYR B 236 -23.23 -4.09 24.64
CA TYR B 236 -22.65 -3.01 23.85
C TYR B 236 -22.01 -1.95 24.73
N ASN B 237 -20.72 -1.72 24.53
CA ASN B 237 -20.02 -0.69 25.24
C ASN B 237 -19.54 0.34 24.21
N PRO B 238 -20.20 1.52 24.12
CA PRO B 238 -19.78 2.52 23.10
C PRO B 238 -18.35 3.02 23.26
N ALA B 239 -17.71 2.84 24.45
CA ALA B 239 -16.31 3.23 24.66
C ALA B 239 -15.33 2.39 23.78
N ASN B 240 -15.78 1.23 23.28
CA ASN B 240 -14.97 0.30 22.50
C ASN B 240 -15.18 0.41 21.00
N THR B 241 -15.92 1.42 20.60
CA THR B 241 -16.18 1.67 19.19
C THR B 241 -15.27 2.79 18.69
N LEU B 242 -14.65 2.57 17.53
CA LEU B 242 -13.96 3.63 16.84
C LEU B 242 -15.00 4.23 15.88
N PHE B 243 -15.34 5.52 16.09
CA PHE B 243 -16.27 6.24 15.22
C PHE B 243 -15.53 7.01 14.13
N THR B 244 -15.99 6.90 12.89
CA THR B 244 -15.42 7.69 11.82
C THR B 244 -16.51 8.62 11.39
N LEU B 245 -16.15 9.85 11.04
CA LEU B 245 -17.14 10.83 10.64
C LEU B 245 -16.60 11.78 9.60
N GLU B 246 -17.38 12.02 8.55
CA GLU B 246 -17.12 12.98 7.48
C GLU B 246 -18.43 13.29 6.78
N PHE B 247 -18.74 14.57 6.53
CA PHE B 247 -19.89 15.03 5.73
C PHE B 247 -19.75 16.51 5.54
N GLY B 248 -20.54 17.07 4.65
CA GLY B 248 -20.53 18.49 4.38
C GLY B 248 -20.54 18.80 2.90
N LEU B 249 -19.92 17.93 2.13
CA LEU B 249 -19.81 18.12 0.67
C LEU B 249 -21.13 18.04 -0.08
N ASN B 250 -22.03 17.07 0.24
CA ASN B 250 -23.32 17.04 -0.45
C ASN B 250 -24.12 18.26 -0.10
N ASP B 251 -24.08 18.65 1.20
CA ASP B 251 -24.78 19.84 1.69
C ASP B 251 -24.37 21.07 0.90
N PHE B 252 -23.06 21.25 0.73
CA PHE B 252 -22.49 22.40 0.03
C PHE B 252 -22.68 22.34 -1.49
N MET B 253 -22.36 21.18 -2.12
CA MET B 253 -22.45 20.98 -3.59
C MET B 253 -23.89 20.93 -4.12
N ASN B 254 -24.74 20.04 -3.59
CA ASN B 254 -26.09 19.82 -4.11
C ASN B 254 -27.20 20.65 -3.52
N TYR B 255 -27.17 20.87 -2.19
CA TYR B 255 -28.28 21.54 -1.55
C TYR B 255 -28.01 23.01 -1.23
N ASN B 256 -26.78 23.50 -1.55
CA ASN B 256 -26.30 24.88 -1.32
C ASN B 256 -26.59 25.30 0.15
N ARG B 257 -26.36 24.36 1.08
CA ARG B 257 -26.63 24.60 2.49
C ARG B 257 -25.62 25.56 3.09
N SER B 258 -26.06 26.38 4.04
CA SER B 258 -25.18 27.34 4.66
C SER B 258 -24.12 26.64 5.53
N VAL B 259 -22.99 27.30 5.69
CA VAL B 259 -21.89 26.79 6.49
C VAL B 259 -22.37 26.64 7.96
N PRO B 260 -23.01 27.64 8.62
CA PRO B 260 -23.42 27.42 10.02
C PRO B 260 -24.37 26.24 10.22
N GLU B 261 -25.23 25.94 9.21
CA GLU B 261 -26.16 24.79 9.29
C GLU B 261 -25.40 23.49 9.28
N VAL B 262 -24.34 23.40 8.43
CA VAL B 262 -23.53 22.18 8.32
C VAL B 262 -22.65 22.03 9.58
N LYS B 263 -22.05 23.14 10.06
CA LYS B 263 -21.27 23.15 11.32
C LYS B 263 -22.12 22.65 12.47
N ALA B 264 -23.39 23.14 12.55
CA ALA B 264 -24.29 22.72 13.65
C ALA B 264 -24.64 21.23 13.61
N ASP B 265 -24.87 20.69 12.40
CA ASP B 265 -25.16 19.26 12.23
C ASP B 265 -23.93 18.39 12.59
N TYR B 266 -22.73 18.85 12.22
CA TYR B 266 -21.50 18.14 12.56
C TYR B 266 -21.31 18.17 14.10
N ALA B 267 -21.51 19.33 14.70
CA ALA B 267 -21.37 19.48 16.16
C ALA B 267 -22.44 18.62 16.87
N GLU B 268 -23.64 18.52 16.29
CA GLU B 268 -24.71 17.74 16.90
C GLU B 268 -24.37 16.27 16.93
N ALA B 269 -23.80 15.74 15.82
CA ALA B 269 -23.40 14.34 15.74
C ALA B 269 -22.40 14.00 16.85
N LEU B 270 -21.36 14.85 17.04
CA LEU B 270 -20.35 14.68 18.10
C LEU B 270 -20.94 14.82 19.50
N ILE B 271 -21.83 15.79 19.71
CA ILE B 271 -22.53 15.97 21.01
C ILE B 271 -23.33 14.70 21.35
N ARG B 272 -24.13 14.23 20.37
CA ARG B 272 -24.98 13.04 20.54
C ARG B 272 -24.17 11.77 20.81
N LEU B 273 -23.08 11.55 20.06
CA LEU B 273 -22.21 10.38 20.28
C LEU B 273 -21.52 10.40 21.63
N THR B 274 -20.83 11.52 21.98
CA THR B 274 -20.14 11.66 23.27
C THR B 274 -21.13 11.62 24.45
N ASP B 275 -22.40 12.04 24.24
CA ASP B 275 -23.42 11.94 25.31
C ASP B 275 -23.84 10.48 25.50
N ALA B 276 -23.78 9.68 24.42
CA ALA B 276 -24.15 8.27 24.46
C ALA B 276 -22.97 7.34 24.72
N GLY B 277 -21.88 7.87 25.32
CA GLY B 277 -20.69 7.13 25.67
C GLY B 277 -19.56 7.00 24.66
N ALA B 278 -19.62 7.64 23.48
CA ALA B 278 -18.52 7.56 22.51
C ALA B 278 -17.27 8.24 23.06
N LYS B 279 -16.09 7.60 22.85
CA LYS B 279 -14.82 8.12 23.37
C LYS B 279 -13.75 8.25 22.29
N ASN B 280 -13.88 7.53 21.15
CA ASN B 280 -12.86 7.41 20.12
C ASN B 280 -13.36 7.81 18.75
N PHE B 281 -12.65 8.77 18.12
CA PHE B 281 -13.05 9.30 16.82
C PHE B 281 -11.92 9.48 15.85
N MET B 282 -12.18 9.11 14.59
CA MET B 282 -11.32 9.35 13.45
C MET B 282 -12.01 10.43 12.65
N LEU B 283 -11.45 11.63 12.67
CA LEU B 283 -12.06 12.77 11.97
C LEU B 283 -11.20 13.19 10.81
N MET B 284 -11.80 13.84 9.82
CA MET B 284 -11.04 14.33 8.68
C MET B 284 -11.57 15.64 8.15
N THR B 285 -10.68 16.45 7.56
CA THR B 285 -11.08 17.69 6.92
C THR B 285 -11.70 17.26 5.57
N LEU B 286 -12.50 18.12 4.97
CA LEU B 286 -13.16 17.83 3.71
C LEU B 286 -12.24 18.15 2.54
N PRO B 287 -12.11 17.24 1.56
CA PRO B 287 -11.33 17.58 0.36
C PRO B 287 -12.06 18.66 -0.44
N ASP B 288 -11.30 19.50 -1.17
CA ASP B 288 -11.91 20.52 -2.01
C ASP B 288 -12.51 19.82 -3.23
N ALA B 289 -13.81 19.50 -3.12
CA ALA B 289 -14.59 18.83 -4.13
C ALA B 289 -14.59 19.58 -5.47
N THR B 290 -14.31 20.91 -5.45
CA THR B 290 -14.23 21.72 -6.68
C THR B 290 -13.04 21.34 -7.58
N LYS B 291 -12.13 20.48 -7.09
CA LYS B 291 -10.98 20.00 -7.85
C LYS B 291 -11.33 18.67 -8.57
N ALA B 292 -12.53 18.12 -8.28
CA ALA B 292 -13.03 16.88 -8.89
C ALA B 292 -13.55 17.18 -10.31
N PRO B 293 -13.60 16.18 -11.21
CA PRO B 293 -14.03 16.47 -12.59
C PRO B 293 -15.44 17.06 -12.73
N GLN B 294 -16.29 16.86 -11.71
CA GLN B 294 -17.66 17.37 -11.61
C GLN B 294 -17.72 18.88 -11.92
N PHE B 295 -16.74 19.63 -11.42
CA PHE B 295 -16.71 21.09 -11.48
C PHE B 295 -16.14 21.67 -12.76
N LYS B 296 -15.84 20.82 -13.75
CA LYS B 296 -15.46 21.25 -15.10
C LYS B 296 -16.72 21.92 -15.68
N TYR B 297 -17.90 21.39 -15.30
CA TYR B 297 -19.23 21.80 -15.78
C TYR B 297 -19.92 22.85 -14.92
N SER B 298 -19.29 23.28 -13.83
CA SER B 298 -19.87 24.32 -12.96
C SER B 298 -19.25 25.66 -13.32
N THR B 299 -19.94 26.75 -12.99
CA THR B 299 -19.44 28.10 -13.24
C THR B 299 -18.41 28.43 -12.16
N GLN B 300 -17.53 29.41 -12.45
CA GLN B 300 -16.51 29.91 -11.54
C GLN B 300 -17.16 30.46 -10.26
N GLU B 301 -18.33 31.12 -10.37
CA GLU B 301 -19.07 31.67 -9.23
C GLU B 301 -19.48 30.55 -8.26
N GLU B 302 -19.99 29.43 -8.80
CA GLU B 302 -20.39 28.24 -8.03
C GLU B 302 -19.17 27.61 -7.36
N ILE B 303 -18.04 27.50 -8.10
CA ILE B 303 -16.80 26.92 -7.61
C ILE B 303 -16.23 27.69 -6.42
N GLU B 304 -16.15 29.01 -6.54
CA GLU B 304 -15.60 29.88 -5.49
C GLU B 304 -16.48 29.87 -4.23
N THR B 305 -17.80 29.76 -4.41
CA THR B 305 -18.73 29.66 -3.27
C THR B 305 -18.47 28.34 -2.50
N ILE B 306 -18.43 27.19 -3.21
CA ILE B 306 -18.23 25.89 -2.58
C ILE B 306 -16.82 25.79 -1.95
N ARG B 307 -15.78 26.26 -2.64
CA ARG B 307 -14.40 26.25 -2.12
C ARG B 307 -14.33 26.99 -0.77
N ALA B 308 -14.91 28.21 -0.69
CA ALA B 308 -14.96 29.03 0.52
C ALA B 308 -15.69 28.32 1.68
N LYS B 309 -16.80 27.61 1.37
CA LYS B 309 -17.57 26.87 2.40
C LYS B 309 -16.76 25.72 2.96
N VAL B 310 -16.04 25.00 2.06
CA VAL B 310 -15.14 23.89 2.39
C VAL B 310 -14.02 24.38 3.33
N LEU B 311 -13.37 25.51 2.98
CA LEU B 311 -12.31 26.07 3.81
C LEU B 311 -12.81 26.46 5.19
N LYS B 312 -13.97 27.12 5.26
CA LYS B 312 -14.62 27.52 6.52
C LYS B 312 -14.95 26.29 7.37
N MET B 313 -15.55 25.25 6.76
CA MET B 313 -15.89 24.00 7.44
C MET B 313 -14.65 23.30 8.00
N ASN B 314 -13.54 23.29 7.24
CA ASN B 314 -12.30 22.64 7.66
C ASN B 314 -11.68 23.29 8.89
N GLU B 315 -11.78 24.62 9.01
CA GLU B 315 -11.32 25.30 10.22
C GLU B 315 -12.17 24.88 11.42
N PHE B 316 -13.48 24.69 11.21
CA PHE B 316 -14.41 24.26 12.26
C PHE B 316 -14.13 22.83 12.66
N ILE B 317 -13.87 21.92 11.68
CA ILE B 317 -13.55 20.52 11.97
C ILE B 317 -12.28 20.44 12.87
N LYS B 318 -11.24 21.24 12.54
CA LYS B 318 -10.00 21.30 13.35
C LYS B 318 -10.31 21.77 14.76
N ALA B 319 -11.17 22.82 14.91
CA ALA B 319 -11.58 23.39 16.20
C ALA B 319 -12.32 22.34 17.04
N GLN B 320 -13.21 21.55 16.39
CA GLN B 320 -13.99 20.49 17.04
C GLN B 320 -13.06 19.38 17.54
N ALA B 321 -12.07 18.98 16.70
CA ALA B 321 -11.10 17.97 17.10
C ALA B 321 -10.35 18.41 18.37
N MET B 322 -9.91 19.68 18.44
CA MET B 322 -9.20 20.30 19.57
C MET B 322 -10.09 20.40 20.80
N TYR B 323 -11.37 20.72 20.59
CA TYR B 323 -12.39 20.81 21.64
C TYR B 323 -12.57 19.48 22.38
N TYR B 324 -12.75 18.38 21.61
CA TYR B 324 -12.95 17.07 22.21
C TYR B 324 -11.66 16.50 22.78
N LYS B 325 -10.51 16.78 22.15
CA LYS B 325 -9.21 16.38 22.68
C LYS B 325 -8.96 17.06 24.08
N ALA B 326 -9.32 18.36 24.23
CA ALA B 326 -9.18 19.11 25.50
C ALA B 326 -10.04 18.53 26.61
N GLN B 327 -11.12 17.83 26.24
CA GLN B 327 -12.04 17.19 27.19
C GLN B 327 -11.61 15.75 27.54
N GLY B 328 -10.51 15.28 26.96
CA GLY B 328 -9.98 13.94 27.25
C GLY B 328 -10.42 12.82 26.32
N TYR B 329 -11.12 13.13 25.22
CA TYR B 329 -11.54 12.13 24.23
C TYR B 329 -10.36 11.78 23.35
N ASN B 330 -10.39 10.58 22.74
CA ASN B 330 -9.34 10.12 21.83
C ASN B 330 -9.70 10.54 20.41
N ILE B 331 -9.00 11.54 19.90
CA ILE B 331 -9.29 12.11 18.59
C ILE B 331 -8.11 11.99 17.63
N ALA B 332 -8.33 11.44 16.44
CA ALA B 332 -7.30 11.43 15.40
C ALA B 332 -7.84 12.27 14.26
N LEU B 333 -7.14 13.34 13.92
CA LEU B 333 -7.57 14.21 12.85
C LEU B 333 -6.62 14.07 11.65
N PHE B 334 -7.16 13.72 10.48
CA PHE B 334 -6.33 13.64 9.27
C PHE B 334 -6.73 14.75 8.30
N ASP B 335 -5.74 15.43 7.72
CA ASP B 335 -6.00 16.49 6.77
C ASP B 335 -6.18 15.96 5.32
N THR B 336 -7.38 15.39 5.04
CA THR B 336 -7.74 14.87 3.71
C THR B 336 -7.73 16.00 2.69
N HIS B 337 -8.08 17.21 3.12
CA HIS B 337 -8.03 18.38 2.23
C HIS B 337 -6.62 18.58 1.66
N ALA B 338 -5.58 18.60 2.53
CA ALA B 338 -4.18 18.76 2.14
C ALA B 338 -3.73 17.64 1.21
N LEU B 339 -4.19 16.39 1.48
CA LEU B 339 -3.84 15.23 0.64
C LEU B 339 -4.41 15.36 -0.79
N PHE B 340 -5.70 15.72 -0.91
CA PHE B 340 -6.33 15.89 -2.23
C PHE B 340 -5.79 17.11 -2.98
N GLU B 341 -5.25 18.13 -2.26
CA GLU B 341 -4.58 19.26 -2.95
C GLU B 341 -3.34 18.71 -3.65
N LYS B 342 -2.58 17.79 -2.96
CA LYS B 342 -1.37 17.15 -3.50
C LYS B 342 -1.70 16.17 -4.64
N LEU B 343 -2.74 15.33 -4.45
CA LEU B 343 -3.18 14.36 -5.45
C LEU B 343 -3.64 14.99 -6.76
N THR B 344 -4.38 16.11 -6.70
CA THR B 344 -4.92 16.76 -7.90
C THR B 344 -3.89 17.66 -8.60
N SER B 345 -2.95 18.25 -7.85
CA SER B 345 -1.91 19.10 -8.47
C SER B 345 -0.71 18.30 -9.01
N ALA B 346 -0.33 17.20 -8.33
CA ALA B 346 0.80 16.38 -8.78
C ALA B 346 0.47 14.88 -8.64
N PRO B 347 -0.46 14.32 -9.48
CA PRO B 347 -0.86 12.90 -9.33
C PRO B 347 0.27 11.90 -9.53
N GLU B 348 1.25 12.26 -10.37
CA GLU B 348 2.42 11.48 -10.71
C GLU B 348 3.34 11.22 -9.50
N GLU B 349 3.34 12.12 -8.53
CA GLU B 349 4.15 12.00 -7.31
C GLU B 349 3.57 10.95 -6.36
N HIS B 350 2.28 10.60 -6.53
CA HIS B 350 1.55 9.69 -5.65
C HIS B 350 1.15 8.35 -6.30
N GLY B 351 1.67 8.09 -7.51
CA GLY B 351 1.41 6.85 -8.23
C GLY B 351 0.20 6.83 -9.13
N PHE B 352 -0.28 8.01 -9.55
CA PHE B 352 -1.43 8.15 -10.44
C PHE B 352 -1.00 8.86 -11.73
N VAL B 353 -1.65 8.53 -12.86
CA VAL B 353 -1.34 9.14 -14.15
C VAL B 353 -2.34 10.26 -14.44
N ASN B 354 -3.53 10.21 -13.81
CA ASN B 354 -4.56 11.18 -14.11
C ASN B 354 -5.39 11.54 -12.89
N ALA B 355 -5.50 12.85 -12.60
CA ALA B 355 -6.33 13.39 -11.52
C ALA B 355 -7.36 14.39 -12.09
N SER B 356 -7.47 14.50 -13.43
CA SER B 356 -8.38 15.49 -14.04
C SER B 356 -9.66 14.92 -14.63
N ASP B 357 -9.67 13.61 -14.97
CA ASP B 357 -10.82 12.96 -15.56
C ASP B 357 -11.34 11.82 -14.73
N PRO B 358 -12.66 11.49 -14.85
CA PRO B 358 -13.14 10.27 -14.21
C PRO B 358 -12.59 9.07 -14.98
N CYS B 359 -12.44 7.94 -14.29
CA CYS B 359 -12.02 6.71 -14.97
C CYS B 359 -13.16 6.29 -15.94
N LEU B 360 -14.45 6.42 -15.48
CA LEU B 360 -15.62 6.13 -16.30
C LEU B 360 -15.85 7.22 -17.35
N ASP B 361 -16.38 6.85 -18.54
CA ASP B 361 -16.67 7.80 -19.63
C ASP B 361 -17.93 8.63 -19.33
N ILE B 362 -17.84 9.44 -18.26
CA ILE B 362 -18.90 10.36 -17.84
C ILE B 362 -18.38 11.76 -18.12
N ASN B 363 -19.06 12.48 -19.02
CA ASN B 363 -18.61 13.79 -19.47
C ASN B 363 -19.62 14.91 -19.23
N ARG B 364 -20.21 14.91 -18.02
CA ARG B 364 -21.20 15.86 -17.52
C ARG B 364 -21.40 15.58 -16.02
N SER B 365 -22.13 16.48 -15.32
CA SER B 365 -22.49 16.27 -13.93
C SER B 365 -24.00 16.26 -13.72
N SER B 366 -24.54 15.05 -13.58
CA SER B 366 -25.96 14.81 -13.32
C SER B 366 -26.09 13.57 -12.46
N SER B 367 -26.85 13.66 -11.36
CA SER B 367 -27.07 12.52 -10.48
C SER B 367 -27.87 11.38 -11.16
N VAL B 368 -28.37 11.60 -12.40
CA VAL B 368 -29.09 10.58 -13.18
C VAL B 368 -28.11 9.54 -13.75
N ASP B 369 -26.82 9.92 -13.95
CA ASP B 369 -25.80 9.01 -14.46
C ASP B 369 -25.52 7.80 -13.54
N TYR B 370 -25.83 7.95 -12.25
CA TYR B 370 -25.66 6.88 -11.25
C TYR B 370 -26.58 5.69 -11.48
N MET B 371 -27.60 5.83 -12.35
CA MET B 371 -28.58 4.77 -12.65
C MET B 371 -28.18 3.92 -13.84
N TYR B 372 -27.14 4.30 -14.58
CA TYR B 372 -26.74 3.61 -15.80
C TYR B 372 -25.34 2.98 -15.78
N THR B 373 -25.06 2.14 -16.80
CA THR B 373 -23.77 1.50 -16.98
C THR B 373 -22.93 2.42 -17.85
N HIS B 374 -21.62 2.52 -17.55
CA HIS B 374 -20.70 3.36 -18.31
C HIS B 374 -19.43 2.61 -18.59
N SER B 375 -18.89 2.78 -19.78
CA SER B 375 -17.60 2.18 -20.14
C SER B 375 -16.51 3.06 -19.51
N LEU B 376 -15.29 2.52 -19.40
CA LEU B 376 -14.12 3.26 -18.93
C LEU B 376 -13.67 4.10 -20.11
N ARG B 377 -13.20 5.34 -19.87
CA ARG B 377 -12.69 6.12 -21.01
C ARG B 377 -11.37 5.47 -21.42
N SER B 378 -11.00 5.60 -22.72
CA SER B 378 -9.82 4.96 -23.27
C SER B 378 -8.55 5.08 -22.40
N GLU B 379 -8.22 6.30 -21.92
CA GLU B 379 -7.05 6.53 -21.06
C GLU B 379 -7.08 5.64 -19.79
N CYS B 380 -8.26 5.39 -19.22
CA CYS B 380 -8.34 4.56 -18.01
C CYS B 380 -8.25 3.07 -18.32
N ALA B 381 -8.80 2.63 -19.47
CA ALA B 381 -8.70 1.24 -19.92
C ALA B 381 -7.21 0.90 -20.14
N ALA B 382 -6.46 1.85 -20.71
CA ALA B 382 -5.02 1.74 -20.99
C ALA B 382 -4.18 1.67 -19.71
N SER B 383 -4.36 2.60 -18.77
CA SER B 383 -3.56 2.66 -17.56
C SER B 383 -4.02 1.74 -16.42
N GLY B 384 -5.30 1.42 -16.38
CA GLY B 384 -5.91 0.67 -15.28
C GLY B 384 -6.51 1.67 -14.30
N ALA B 385 -7.60 1.31 -13.64
CA ALA B 385 -8.31 2.17 -12.68
C ALA B 385 -7.48 2.54 -11.44
N ASP B 386 -6.46 1.74 -11.11
CA ASP B 386 -5.60 2.01 -9.95
C ASP B 386 -4.67 3.23 -10.15
N LYS B 387 -4.59 3.73 -11.40
CA LYS B 387 -3.77 4.89 -11.78
C LYS B 387 -4.58 6.18 -11.99
N PHE B 388 -5.88 6.12 -11.71
CA PHE B 388 -6.75 7.30 -11.77
C PHE B 388 -7.12 7.68 -10.36
N VAL B 389 -7.17 8.97 -10.08
CA VAL B 389 -7.57 9.46 -8.78
C VAL B 389 -9.11 9.31 -8.61
N PHE B 390 -9.86 9.66 -9.67
CA PHE B 390 -11.33 9.65 -9.66
C PHE B 390 -11.92 8.54 -10.49
N TRP B 391 -12.92 7.89 -9.90
CA TRP B 391 -13.67 6.81 -10.52
C TRP B 391 -14.77 7.41 -11.41
N ASP B 392 -15.56 8.30 -10.83
CA ASP B 392 -16.64 8.98 -11.54
C ASP B 392 -16.37 10.50 -11.50
N VAL B 393 -17.36 11.38 -11.74
CA VAL B 393 -17.05 12.83 -11.74
C VAL B 393 -16.80 13.40 -10.33
N THR B 394 -17.12 12.66 -9.26
CA THR B 394 -16.99 13.16 -7.88
C THR B 394 -16.10 12.29 -6.99
N HIS B 395 -16.31 10.98 -7.07
CA HIS B 395 -15.76 10.03 -6.13
C HIS B 395 -14.39 9.46 -6.48
N PRO B 396 -13.57 9.24 -5.43
CA PRO B 396 -12.25 8.64 -5.64
C PRO B 396 -12.37 7.19 -6.07
N THR B 397 -11.35 6.69 -6.77
CA THR B 397 -11.25 5.27 -7.11
C THR B 397 -10.91 4.54 -5.80
N THR B 398 -10.98 3.19 -5.80
CA THR B 398 -10.62 2.40 -4.62
C THR B 398 -9.10 2.51 -4.30
N ALA B 399 -8.24 2.73 -5.33
CA ALA B 399 -6.80 2.97 -5.14
C ALA B 399 -6.60 4.24 -4.33
N THR B 400 -7.40 5.29 -4.62
CA THR B 400 -7.35 6.55 -3.86
C THR B 400 -7.84 6.33 -2.43
N HIS B 401 -8.96 5.61 -2.26
CA HIS B 401 -9.51 5.27 -0.94
C HIS B 401 -8.48 4.53 -0.08
N ARG B 402 -7.75 3.59 -0.68
CA ARG B 402 -6.67 2.82 -0.02
C ARG B 402 -5.54 3.77 0.40
N TYR B 403 -5.14 4.70 -0.50
CA TYR B 403 -4.09 5.68 -0.21
C TYR B 403 -4.47 6.59 0.97
N VAL B 404 -5.77 6.96 1.09
CA VAL B 404 -6.37 7.77 2.18
C VAL B 404 -6.29 6.98 3.53
N ALA B 405 -6.76 5.72 3.56
CA ALA B 405 -6.79 4.83 4.74
C ALA B 405 -5.46 4.73 5.44
N GLU B 406 -4.41 4.57 4.63
CA GLU B 406 -3.02 4.48 5.04
C GLU B 406 -2.66 5.70 5.87
N LYS B 407 -2.93 6.87 5.31
CA LYS B 407 -2.71 8.16 5.94
C LYS B 407 -3.59 8.32 7.19
N MET B 408 -4.91 7.97 7.14
CA MET B 408 -5.82 8.04 8.31
C MET B 408 -5.22 7.22 9.48
N LEU B 409 -4.69 6.00 9.17
CA LEU B 409 -4.09 5.06 10.12
C LEU B 409 -2.84 5.66 10.78
N GLU B 410 -1.92 6.20 9.97
CA GLU B 410 -0.66 6.82 10.43
C GLU B 410 -0.91 7.99 11.40
N SER B 411 -1.94 8.81 11.11
CA SER B 411 -2.32 9.95 11.95
C SER B 411 -2.86 9.49 13.32
N SER B 412 -3.45 8.29 13.37
CA SER B 412 -3.99 7.67 14.57
C SER B 412 -2.94 6.81 15.28
N ASN B 413 -1.69 6.75 14.70
CA ASN B 413 -0.58 5.90 15.15
C ASN B 413 -1.06 4.44 15.15
N ASN B 414 -1.73 3.98 14.02
CA ASN B 414 -2.31 2.64 13.87
C ASN B 414 -3.18 2.26 15.08
N LEU B 415 -4.05 3.20 15.52
CA LEU B 415 -5.04 3.05 16.62
C LEU B 415 -4.52 3.33 18.04
N GLU B 416 -3.18 3.58 18.20
CA GLU B 416 -2.54 3.91 19.49
C GLU B 416 -3.22 5.10 20.18
N GLU B 417 -3.65 6.11 19.39
CA GLU B 417 -4.35 7.29 19.88
C GLU B 417 -5.63 6.91 20.66
N PHE B 418 -6.19 5.73 20.38
CA PHE B 418 -7.45 5.26 20.98
C PHE B 418 -7.29 4.23 22.09
#